data_5MKI
#
_entry.id   5MKI
#
_cell.length_a   69.671
_cell.length_b   114.221
_cell.length_c   71.993
_cell.angle_alpha   90.00
_cell.angle_beta   113.70
_cell.angle_gamma   90.00
#
_symmetry.space_group_name_H-M   'P 1 21 1'
#
loop_
_entity.id
_entity.type
_entity.pdbx_description
1 polymer 'Like-Sm ribonucleoprotein core'
2 non-polymer 'CALCIUM ION'
3 non-polymer '4-(2-HYDROXYETHYL)-1-PIPERAZINE ETHANESULFONIC ACID'
4 water water
#
_entity_poly.entity_id   1
_entity_poly.type   'polypeptide(L)'
_entity_poly.pdbx_seq_one_letter_code
;MMDTQRPLDALGKSINTNVTVYLKDGKLVKGRLKAYDLHMNVALENAKIESDEEKEFPMLVVRGDNVLYVSL
;
_entity_poly.pdbx_strand_id   A,B,C,D,E,F,G,H,I,J,K,L,M,N
#
loop_
_chem_comp.id
_chem_comp.type
_chem_comp.name
_chem_comp.formula
CA non-polymer 'CALCIUM ION' 'Ca 2'
EPE non-polymer '4-(2-HYDROXYETHYL)-1-PIPERAZINE ETHANESULFONIC ACID' 'C8 H18 N2 O4 S'
#
# COMPACT_ATOMS: atom_id res chain seq x y z
N ASP A 3 -1.89 25.81 -3.33
CA ASP A 3 -2.62 25.08 -2.28
C ASP A 3 -1.72 24.83 -1.07
N THR A 4 -2.27 25.07 0.12
CA THR A 4 -1.52 25.03 1.37
C THR A 4 -1.12 23.61 1.79
N GLN A 5 -1.57 22.59 1.07
CA GLN A 5 -1.26 21.22 1.42
C GLN A 5 -0.38 20.55 0.38
N ARG A 6 0.14 21.32 -0.57
CA ARG A 6 0.91 20.78 -1.69
C ARG A 6 2.20 21.57 -1.84
N PRO A 7 3.11 21.47 -0.86
CA PRO A 7 4.39 22.18 -0.98
C PRO A 7 5.13 21.94 -2.29
N LEU A 8 5.02 20.74 -2.89
CA LEU A 8 5.80 20.42 -4.08
C LEU A 8 5.25 21.05 -5.35
N ASP A 9 4.03 21.60 -5.33
CA ASP A 9 3.54 22.37 -6.48
C ASP A 9 4.44 23.54 -6.81
N ALA A 10 5.18 24.04 -5.82
CA ALA A 10 6.17 25.07 -6.11
C ALA A 10 7.22 24.58 -7.10
N LEU A 11 7.50 23.26 -7.11
CA LEU A 11 8.40 22.72 -8.13
C LEU A 11 7.74 22.75 -9.52
N GLY A 12 6.47 22.39 -9.60
CA GLY A 12 5.78 22.44 -10.88
C GLY A 12 5.80 23.82 -11.49
N LYS A 13 5.75 24.87 -10.66
CA LYS A 13 5.84 26.23 -11.17
C LYS A 13 7.24 26.59 -11.65
N SER A 14 8.27 25.91 -11.13
CA SER A 14 9.65 26.17 -11.49
C SER A 14 10.13 25.34 -12.68
N ILE A 15 9.23 24.60 -13.34
CA ILE A 15 9.64 23.85 -14.52
C ILE A 15 10.22 24.82 -15.54
N ASN A 16 11.36 24.42 -16.12
CA ASN A 16 12.07 25.18 -17.15
C ASN A 16 12.59 26.51 -16.62
N THR A 17 12.94 26.53 -15.33
CA THR A 17 13.74 27.57 -14.72
C THR A 17 14.91 26.92 -14.00
N ASN A 18 15.83 27.75 -13.53
CA ASN A 18 17.03 27.27 -12.83
C ASN A 18 16.76 27.13 -11.34
N VAL A 19 17.10 25.96 -10.78
CA VAL A 19 16.93 25.71 -9.35
C VAL A 19 18.25 25.26 -8.76
N THR A 20 18.39 25.48 -7.47
CA THR A 20 19.51 25.01 -6.69
C THR A 20 19.03 23.93 -5.73
N VAL A 21 19.54 22.72 -5.88
CA VAL A 21 19.19 21.59 -5.01
C VAL A 21 20.31 21.40 -4.00
N TYR A 22 20.01 21.67 -2.73
CA TYR A 22 20.94 21.39 -1.63
C TYR A 22 20.79 19.94 -1.15
N LEU A 23 21.91 19.23 -1.08
CA LEU A 23 21.95 17.83 -0.71
C LEU A 23 22.42 17.66 0.73
N LYS A 24 22.10 16.50 1.31
CA LYS A 24 22.37 16.26 2.73
C LYS A 24 23.86 16.32 3.05
N ASP A 25 24.72 16.02 2.08
CA ASP A 25 26.15 15.93 2.32
C ASP A 25 26.87 17.26 2.15
N GLY A 26 26.14 18.34 1.88
CA GLY A 26 26.74 19.64 1.65
C GLY A 26 26.85 20.05 0.19
N LYS A 27 26.69 19.11 -0.74
CA LYS A 27 26.74 19.45 -2.16
C LYS A 27 25.60 20.39 -2.54
N LEU A 28 25.88 21.22 -3.55
CA LEU A 28 24.88 22.05 -4.23
C LEU A 28 24.87 21.63 -5.70
N VAL A 29 23.69 21.26 -6.21
CA VAL A 29 23.51 20.94 -7.61
C VAL A 29 22.57 21.97 -8.21
N LYS A 30 23.03 22.66 -9.26
CA LYS A 30 22.29 23.76 -9.88
C LYS A 30 21.99 23.39 -11.32
N GLY A 31 20.76 23.62 -11.77
CA GLY A 31 20.40 23.26 -13.13
C GLY A 31 18.99 23.67 -13.48
N ARG A 32 18.60 23.34 -14.71
CA ARG A 32 17.27 23.68 -15.24
C ARG A 32 16.31 22.52 -15.02
N LEU A 33 15.24 22.75 -14.27
CA LEU A 33 14.35 21.69 -13.80
C LEU A 33 13.39 21.26 -14.91
N LYS A 34 13.56 20.02 -15.39
CA LYS A 34 12.73 19.43 -16.44
C LYS A 34 11.63 18.52 -15.91
N ALA A 35 11.75 18.03 -14.68
CA ALA A 35 10.80 17.04 -14.17
C ALA A 35 11.10 16.81 -12.71
N TYR A 36 10.04 16.46 -11.96
CA TYR A 36 10.13 16.07 -10.56
C TYR A 36 8.94 15.16 -10.24
N ASP A 37 9.04 14.44 -9.12
CA ASP A 37 7.99 13.51 -8.69
C ASP A 37 7.79 13.68 -7.18
N LEU A 38 6.85 12.91 -6.62
CA LEU A 38 6.49 13.12 -5.22
C LEU A 38 7.56 12.60 -4.26
N HIS A 39 8.56 11.87 -4.75
CA HIS A 39 9.74 11.58 -3.93
C HIS A 39 10.75 12.70 -3.89
N MET A 40 10.51 13.79 -4.63
CA MET A 40 11.48 14.85 -4.89
C MET A 40 12.68 14.37 -5.71
N ASN A 41 12.56 13.26 -6.45
CA ASN A 41 13.49 13.04 -7.55
C ASN A 41 13.36 14.21 -8.53
N VAL A 42 14.47 14.61 -9.14
CA VAL A 42 14.45 15.74 -10.09
C VAL A 42 15.40 15.46 -11.25
N ALA A 43 14.95 15.79 -12.46
CA ALA A 43 15.81 15.77 -13.65
C ALA A 43 16.27 17.19 -13.92
N LEU A 44 17.57 17.42 -13.88
CA LEU A 44 18.16 18.75 -14.05
C LEU A 44 18.97 18.79 -15.34
N GLU A 45 18.62 19.71 -16.23
CA GLU A 45 19.28 19.87 -17.52
C GLU A 45 20.41 20.90 -17.43
N ASN A 46 21.54 20.60 -18.07
CA ASN A 46 22.69 21.50 -18.07
C ASN A 46 23.07 21.89 -16.64
N ALA A 47 23.37 20.85 -15.85
CA ALA A 47 23.52 21.01 -14.41
C ALA A 47 24.98 21.23 -14.01
N LYS A 48 25.15 21.88 -12.87
CA LYS A 48 26.47 22.25 -12.36
C LYS A 48 26.55 21.90 -10.88
N ILE A 49 27.64 21.26 -10.47
CA ILE A 49 27.95 21.10 -9.06
C ILE A 49 28.84 22.27 -8.65
N GLU A 50 28.48 22.94 -7.54
CA GLU A 50 29.34 24.00 -7.05
C GLU A 50 30.70 23.47 -6.61
N SER A 51 30.80 22.17 -6.35
CA SER A 51 32.06 21.51 -6.05
C SER A 51 32.89 21.25 -7.30
N ASP A 52 32.64 21.96 -8.39
CA ASP A 52 33.20 21.61 -9.70
C ASP A 52 32.62 22.54 -10.76
N GLU A 53 32.31 23.78 -10.39
CA GLU A 53 31.54 24.70 -11.23
C GLU A 53 32.24 25.00 -12.55
N GLU A 54 32.46 23.96 -13.35
CA GLU A 54 33.01 24.10 -14.70
C GLU A 54 32.31 23.12 -15.65
N LYS A 55 32.21 21.86 -15.24
CA LYS A 55 31.43 20.90 -16.02
C LYS A 55 29.98 21.34 -16.08
N GLU A 56 29.33 21.09 -17.22
CA GLU A 56 27.91 21.35 -17.39
C GLU A 56 27.28 20.04 -17.90
N PHE A 57 26.92 19.16 -16.95
CA PHE A 57 26.26 17.89 -17.22
C PHE A 57 25.01 18.10 -18.07
N PRO A 58 24.93 17.50 -19.27
CA PRO A 58 23.70 17.64 -20.07
C PRO A 58 22.41 17.30 -19.33
N MET A 59 22.41 16.24 -18.51
CA MET A 59 21.21 15.86 -17.76
C MET A 59 21.62 15.09 -16.52
N LEU A 60 21.22 15.58 -15.36
CA LEU A 60 21.45 14.95 -14.06
C LEU A 60 20.11 14.55 -13.45
N VAL A 61 19.93 13.27 -13.16
CA VAL A 61 18.76 12.82 -12.40
C VAL A 61 19.22 12.61 -10.96
N VAL A 62 18.67 13.42 -10.05
CA VAL A 62 19.06 13.43 -8.64
C VAL A 62 18.03 12.64 -7.85
N ARG A 63 18.49 11.77 -6.97
CA ARG A 63 17.58 10.97 -6.15
C ARG A 63 17.10 11.79 -4.96
N GLY A 64 15.77 11.91 -4.82
CA GLY A 64 15.20 12.84 -3.85
C GLY A 64 15.57 12.59 -2.39
N ASP A 65 15.82 11.32 -2.01
CA ASP A 65 16.18 11.02 -0.62
C ASP A 65 17.48 11.71 -0.20
N ASN A 66 18.28 12.19 -1.15
CA ASN A 66 19.48 12.95 -0.81
C ASN A 66 19.18 14.42 -0.53
N VAL A 67 17.96 14.89 -0.80
CA VAL A 67 17.70 16.33 -0.87
C VAL A 67 17.47 16.90 0.52
N LEU A 68 18.15 18.02 0.81
CA LEU A 68 17.93 18.78 2.03
C LEU A 68 16.82 19.81 1.81
N TYR A 69 17.03 20.74 0.88
CA TYR A 69 15.99 21.65 0.40
C TYR A 69 16.35 22.14 -1.00
N VAL A 70 15.33 22.59 -1.73
CA VAL A 70 15.50 23.14 -3.07
C VAL A 70 15.16 24.63 -3.01
N SER A 71 16.05 25.47 -3.59
CA SER A 71 15.85 26.91 -3.67
C SER A 71 15.24 27.26 -5.02
N LEU A 72 14.07 27.87 -4.99
CA LEU A 72 13.28 28.12 -6.18
C LEU A 72 13.20 29.61 -6.51
N ASP B 3 -7.37 18.60 16.68
CA ASP B 3 -7.84 17.29 17.13
C ASP B 3 -6.67 16.52 17.73
N THR B 4 -6.96 15.67 18.72
CA THR B 4 -5.91 15.01 19.47
C THR B 4 -5.11 14.00 18.64
N GLN B 5 -5.57 13.63 17.45
CA GLN B 5 -4.89 12.66 16.62
C GLN B 5 -4.28 13.24 15.34
N ARG B 6 -4.27 14.56 15.18
CA ARG B 6 -3.72 15.21 13.98
C ARG B 6 -2.75 16.31 14.37
N PRO B 7 -1.55 15.95 14.83
CA PRO B 7 -0.59 16.98 15.21
C PRO B 7 -0.15 17.88 14.07
N LEU B 8 -0.24 17.45 12.81
CA LEU B 8 0.16 18.33 11.71
C LEU B 8 -0.88 19.41 11.41
N ASP B 9 -2.12 19.24 11.87
CA ASP B 9 -3.10 20.32 11.78
C ASP B 9 -2.58 21.62 12.38
N ALA B 10 -1.68 21.55 13.36
CA ALA B 10 -1.07 22.77 13.89
C ALA B 10 -0.31 23.54 12.81
N LEU B 11 0.31 22.84 11.85
CA LEU B 11 0.96 23.54 10.73
C LEU B 11 -0.05 24.35 9.95
N GLY B 12 -1.21 23.76 9.66
CA GLY B 12 -2.26 24.50 8.97
C GLY B 12 -2.67 25.77 9.68
N LYS B 13 -2.64 25.76 11.02
CA LYS B 13 -2.97 26.98 11.76
C LYS B 13 -1.88 28.03 11.69
N SER B 14 -0.73 27.70 11.10
CA SER B 14 0.39 28.61 11.00
C SER B 14 0.69 29.03 9.57
N ILE B 15 -0.20 28.69 8.61
CA ILE B 15 -0.02 29.15 7.25
C ILE B 15 0.03 30.68 7.23
N ASN B 16 0.99 31.22 6.47
CA ASN B 16 1.18 32.67 6.32
C ASN B 16 1.63 33.32 7.62
N THR B 17 2.42 32.59 8.41
CA THR B 17 3.17 33.14 9.53
C THR B 17 4.61 32.68 9.42
N ASN B 18 5.47 33.26 10.24
CA ASN B 18 6.86 32.84 10.29
C ASN B 18 6.97 31.67 11.25
N VAL B 19 7.61 30.59 10.79
CA VAL B 19 7.86 29.45 11.66
C VAL B 19 9.36 29.19 11.64
N THR B 20 9.84 28.40 12.60
CA THR B 20 11.23 27.99 12.63
C THR B 20 11.31 26.48 12.48
N VAL B 21 11.92 26.04 11.40
CA VAL B 21 12.08 24.63 11.09
C VAL B 21 13.47 24.22 11.53
N TYR B 22 13.55 23.37 12.55
CA TYR B 22 14.82 22.84 13.01
C TYR B 22 15.13 21.55 12.25
N LEU B 23 16.35 21.46 11.74
CA LEU B 23 16.77 20.31 10.94
C LEU B 23 17.69 19.39 11.74
N LYS B 24 17.68 18.11 11.37
CA LYS B 24 18.51 17.11 12.03
C LYS B 24 19.98 17.50 12.07
N ASP B 25 20.48 18.10 11.00
CA ASP B 25 21.89 18.45 10.94
C ASP B 25 22.21 19.70 11.77
N GLY B 26 21.28 20.18 12.59
CA GLY B 26 21.52 21.34 13.43
C GLY B 26 21.17 22.67 12.79
N LYS B 27 20.79 22.69 11.53
CA LYS B 27 20.36 23.94 10.91
C LYS B 27 19.06 24.43 11.53
N LEU B 28 18.89 25.76 11.55
CA LEU B 28 17.62 26.41 11.84
C LEU B 28 17.20 27.19 10.61
N VAL B 29 16.00 26.90 10.07
CA VAL B 29 15.49 27.56 8.87
C VAL B 29 14.22 28.30 9.26
N LYS B 30 14.24 29.64 9.18
CA LYS B 30 13.08 30.47 9.52
C LYS B 30 12.44 30.99 8.25
N GLY B 31 11.11 31.08 8.24
CA GLY B 31 10.47 31.57 7.03
C GLY B 31 8.97 31.57 7.17
N ARG B 32 8.33 32.12 6.14
CA ARG B 32 6.88 32.22 6.06
C ARG B 32 6.32 30.94 5.45
N LEU B 33 5.60 30.18 6.27
CA LEU B 33 5.04 28.88 5.89
C LEU B 33 3.95 29.07 4.84
N LYS B 34 4.19 28.59 3.63
CA LYS B 34 3.19 28.65 2.56
C LYS B 34 2.44 27.34 2.36
N ALA B 35 3.03 26.20 2.70
CA ALA B 35 2.38 24.91 2.46
C ALA B 35 3.13 23.81 3.18
N TYR B 36 2.42 22.73 3.50
CA TYR B 36 3.01 21.59 4.16
C TYR B 36 2.21 20.35 3.77
N ASP B 37 2.84 19.19 3.88
CA ASP B 37 2.12 17.97 3.55
C ASP B 37 2.34 16.95 4.67
N LEU B 38 1.75 15.76 4.47
CA LEU B 38 1.82 14.75 5.52
C LEU B 38 3.20 14.13 5.67
N HIS B 39 4.13 14.40 4.76
CA HIS B 39 5.51 14.00 5.01
C HIS B 39 6.27 15.03 5.82
N MET B 40 5.59 16.10 6.23
CA MET B 40 6.20 17.32 6.78
C MET B 40 7.18 17.98 5.81
N ASN B 41 7.08 17.71 4.49
CA ASN B 41 7.65 18.64 3.53
C ASN B 41 6.95 19.99 3.71
N VAL B 42 7.70 21.08 3.58
CA VAL B 42 7.12 22.42 3.73
C VAL B 42 7.71 23.35 2.67
N ALA B 43 6.93 24.37 2.30
CA ALA B 43 7.40 25.45 1.44
C ALA B 43 7.48 26.71 2.28
N LEU B 44 8.66 27.33 2.31
CA LEU B 44 8.91 28.52 3.12
C LEU B 44 9.29 29.69 2.21
N GLU B 45 8.58 30.81 2.38
CA GLU B 45 8.83 32.02 1.61
C GLU B 45 9.77 32.93 2.38
N ASN B 46 10.70 33.55 1.66
CA ASN B 46 11.71 34.44 2.23
C ASN B 46 12.41 33.79 3.41
N ALA B 47 13.05 32.66 3.14
CA ALA B 47 13.62 31.85 4.20
C ALA B 47 15.03 32.33 4.56
N LYS B 48 15.41 32.10 5.81
CA LYS B 48 16.75 32.45 6.28
C LYS B 48 17.33 31.30 7.09
N ILE B 49 18.61 31.03 6.88
CA ILE B 49 19.34 30.01 7.63
C ILE B 49 20.13 30.71 8.71
N GLU B 50 19.97 30.26 9.97
CA GLU B 50 20.57 30.95 11.11
C GLU B 50 22.09 31.06 11.00
N SER B 51 22.73 30.09 10.33
CA SER B 51 24.17 30.16 10.08
C SER B 51 24.47 29.24 8.90
N ASP B 52 24.99 29.80 7.81
CA ASP B 52 25.38 31.22 7.74
C ASP B 52 24.19 32.14 7.44
N GLU B 53 24.31 33.40 7.87
CA GLU B 53 23.27 34.39 7.70
C GLU B 53 23.47 35.12 6.36
N GLU B 54 22.84 36.29 6.22
CA GLU B 54 22.96 37.17 5.05
C GLU B 54 22.31 36.56 3.82
N LYS B 55 22.50 35.25 3.62
CA LYS B 55 21.88 34.57 2.50
C LYS B 55 20.35 34.67 2.59
N GLU B 56 19.71 34.65 1.42
CA GLU B 56 18.29 34.94 1.30
C GLU B 56 17.67 33.96 0.30
N PHE B 57 16.54 33.39 0.65
CA PHE B 57 15.89 32.36 -0.19
C PHE B 57 14.45 32.76 -0.50
N PRO B 58 14.18 33.32 -1.67
CA PRO B 58 12.79 33.69 -2.00
C PRO B 58 11.78 32.57 -1.76
N MET B 59 12.10 31.35 -2.17
CA MET B 59 11.21 30.23 -1.96
C MET B 59 12.03 28.96 -1.78
N LEU B 60 11.76 28.26 -0.67
CA LEU B 60 12.55 27.11 -0.23
C LEU B 60 11.59 25.97 0.04
N VAL B 61 11.80 24.84 -0.62
CA VAL B 61 11.03 23.63 -0.32
C VAL B 61 11.96 22.69 0.43
N VAL B 62 11.61 22.44 1.70
CA VAL B 62 12.39 21.64 2.63
C VAL B 62 11.82 20.23 2.67
N ARG B 63 12.67 19.21 2.51
CA ARG B 63 12.21 17.85 2.54
C ARG B 63 11.89 17.41 3.98
N GLY B 64 10.68 16.89 4.19
CA GLY B 64 10.23 16.53 5.53
C GLY B 64 11.17 15.63 6.32
N ASP B 65 11.85 14.70 5.65
CA ASP B 65 12.64 13.74 6.43
C ASP B 65 13.85 14.39 7.12
N ASN B 66 14.21 15.62 6.77
CA ASN B 66 15.33 16.29 7.42
C ASN B 66 14.92 16.98 8.72
N VAL B 67 13.64 17.02 9.05
CA VAL B 67 13.12 17.86 10.11
C VAL B 67 13.26 17.17 11.46
N LEU B 68 13.67 17.95 12.45
CA LEU B 68 13.67 17.56 13.84
C LEU B 68 12.38 17.99 14.53
N TYR B 69 12.13 19.29 14.57
CA TYR B 69 10.83 19.80 14.96
C TYR B 69 10.59 21.17 14.35
N VAL B 70 9.32 21.57 14.30
CA VAL B 70 8.91 22.88 13.81
C VAL B 70 8.36 23.67 14.99
N SER B 71 8.87 24.88 15.18
CA SER B 71 8.36 25.79 16.20
C SER B 71 7.47 26.83 15.56
N LEU B 72 6.23 26.86 15.96
CA LEU B 72 5.23 27.76 15.40
C LEU B 72 5.02 29.03 16.22
N ASP C 3 -5.27 -1.90 25.25
CA ASP C 3 -5.12 -2.98 24.28
C ASP C 3 -3.66 -3.40 24.21
N THR C 4 -3.41 -4.72 24.34
CA THR C 4 -2.05 -5.23 24.28
C THR C 4 -1.41 -5.04 22.90
N GLN C 5 -2.19 -4.71 21.87
CA GLN C 5 -1.69 -4.53 20.50
C GLN C 5 -1.50 -3.06 20.11
N ARG C 6 -1.86 -2.11 20.97
CA ARG C 6 -1.87 -0.68 20.62
C ARG C 6 -1.05 0.11 21.63
N PRO C 7 0.27 -0.02 21.59
CA PRO C 7 1.10 0.70 22.57
C PRO C 7 0.93 2.20 22.51
N LEU C 8 0.59 2.75 21.34
CA LEU C 8 0.45 4.20 21.23
C LEU C 8 -0.82 4.73 21.86
N ASP C 9 -1.78 3.85 22.19
CA ASP C 9 -2.95 4.28 22.97
C ASP C 9 -2.55 4.90 24.29
N ALA C 10 -1.36 4.56 24.82
CA ALA C 10 -0.90 5.21 26.04
C ALA C 10 -0.67 6.71 25.83
N LEU C 11 -0.32 7.12 24.60
CA LEU C 11 -0.27 8.56 24.31
C LEU C 11 -1.66 9.16 24.38
N GLY C 12 -2.68 8.41 23.94
CA GLY C 12 -4.04 8.90 24.01
C GLY C 12 -4.51 9.17 25.43
N LYS C 13 -4.06 8.35 26.39
CA LYS C 13 -4.43 8.56 27.78
C LYS C 13 -3.60 9.64 28.45
N SER C 14 -2.59 10.18 27.78
CA SER C 14 -1.78 11.24 28.32
C SER C 14 -1.98 12.56 27.61
N ILE C 15 -3.05 12.69 26.81
CA ILE C 15 -3.36 13.97 26.20
C ILE C 15 -3.58 15.03 27.28
N ASN C 16 -3.03 16.21 27.03
CA ASN C 16 -3.13 17.41 27.88
C ASN C 16 -2.38 17.25 29.21
N THR C 17 -1.55 16.23 29.34
CA THR C 17 -0.61 16.13 30.45
C THR C 17 0.77 16.52 29.96
N ASN C 18 1.67 16.73 30.92
CA ASN C 18 3.08 16.95 30.58
C ASN C 18 3.75 15.62 30.31
N VAL C 19 4.49 15.55 29.21
CA VAL C 19 5.27 14.37 28.87
C VAL C 19 6.69 14.82 28.58
N THR C 20 7.61 13.87 28.61
CA THR C 20 8.99 14.10 28.20
C THR C 20 9.28 13.21 27.00
N VAL C 21 9.63 13.84 25.87
CA VAL C 21 9.99 13.14 24.66
C VAL C 21 11.51 13.11 24.59
N TYR C 22 12.07 11.92 24.69
CA TYR C 22 13.50 11.71 24.48
C TYR C 22 13.75 11.47 23.00
N LEU C 23 14.72 12.19 22.44
CA LEU C 23 15.06 12.11 21.02
C LEU C 23 16.35 11.33 20.81
N LYS C 24 16.55 10.86 19.58
CA LYS C 24 17.73 10.05 19.28
C LYS C 24 19.03 10.79 19.52
N ASP C 25 19.04 12.12 19.43
CA ASP C 25 20.26 12.90 19.58
C ASP C 25 20.57 13.25 21.04
N GLY C 26 19.83 12.71 22.00
CA GLY C 26 20.04 13.03 23.39
C GLY C 26 19.19 14.15 23.94
N LYS C 27 18.50 14.91 23.09
CA LYS C 27 17.62 15.96 23.60
C LYS C 27 16.49 15.37 24.43
N LEU C 28 16.08 16.14 25.44
CA LEU C 28 14.87 15.87 26.20
C LEU C 28 13.92 17.05 25.98
N VAL C 29 12.78 16.79 25.35
CA VAL C 29 11.75 17.80 25.13
C VAL C 29 10.59 17.53 26.08
N LYS C 30 10.28 18.50 26.93
CA LYS C 30 9.15 18.42 27.85
C LYS C 30 8.06 19.40 27.44
N GLY C 31 6.82 18.93 27.41
CA GLY C 31 5.73 19.83 27.10
C GLY C 31 4.40 19.18 27.37
N ARG C 32 3.34 19.93 27.14
CA ARG C 32 1.98 19.41 27.26
C ARG C 32 1.57 18.77 25.94
N LEU C 33 1.20 17.50 25.99
CA LEU C 33 0.89 16.73 24.79
C LEU C 33 -0.48 17.12 24.29
N LYS C 34 -0.54 17.75 23.13
CA LYS C 34 -1.83 18.12 22.54
C LYS C 34 -2.29 17.16 21.45
N ALA C 35 -1.37 16.50 20.76
CA ALA C 35 -1.75 15.63 19.66
C ALA C 35 -0.59 14.69 19.34
N TYR C 36 -0.95 13.53 18.77
CA TYR C 36 -0.01 12.51 18.32
C TYR C 36 -0.68 11.73 17.20
N ASP C 37 0.13 11.13 16.33
CA ASP C 37 -0.38 10.24 15.29
C ASP C 37 0.40 8.93 15.32
N LEU C 38 0.05 8.03 14.40
CA LEU C 38 0.67 6.72 14.37
C LEU C 38 2.12 6.74 13.93
N HIS C 39 2.63 7.86 13.41
CA HIS C 39 4.07 7.95 13.19
C HIS C 39 4.81 8.33 14.46
N MET C 40 4.09 8.59 15.56
CA MET C 40 4.63 9.21 16.77
C MET C 40 5.10 10.64 16.52
N ASN C 41 4.61 11.31 15.47
CA ASN C 41 4.63 12.77 15.47
C ASN C 41 3.87 13.24 16.71
N VAL C 42 4.40 14.24 17.41
CA VAL C 42 3.69 14.77 18.56
C VAL C 42 3.66 16.29 18.47
N ALA C 43 2.57 16.87 18.97
CA ALA C 43 2.45 18.32 19.13
C ALA C 43 2.52 18.64 20.62
N LEU C 44 3.52 19.44 21.01
CA LEU C 44 3.82 19.76 22.40
C LEU C 44 3.62 21.26 22.63
N GLU C 45 2.76 21.60 23.58
CA GLU C 45 2.49 22.99 23.94
C GLU C 45 3.39 23.44 25.08
N ASN C 46 3.88 24.67 24.99
CA ASN C 46 4.77 25.25 25.99
C ASN C 46 5.95 24.33 26.26
N ALA C 47 6.59 23.91 25.17
CA ALA C 47 7.62 22.89 25.27
C ALA C 47 8.95 23.47 25.70
N LYS C 48 9.76 22.62 26.31
CA LYS C 48 11.04 22.98 26.89
C LYS C 48 12.06 21.92 26.55
N ILE C 49 13.26 22.34 26.16
CA ILE C 49 14.37 21.42 25.92
C ILE C 49 15.44 21.72 26.95
N GLU C 50 15.93 20.67 27.61
CA GLU C 50 16.98 20.85 28.60
C GLU C 50 18.27 21.30 27.93
N SER C 51 19.16 21.89 28.74
CA SER C 51 20.41 22.53 28.34
C SER C 51 20.16 23.95 27.85
N ASP C 52 19.00 24.21 27.26
CA ASP C 52 18.56 25.56 26.90
C ASP C 52 17.34 25.87 27.76
N GLU C 53 17.58 26.46 28.93
CA GLU C 53 16.52 26.64 29.92
C GLU C 53 15.48 27.66 29.49
N GLU C 54 15.87 28.94 29.40
CA GLU C 54 14.89 30.02 29.25
C GLU C 54 14.33 30.14 27.85
N LYS C 55 14.86 29.41 26.88
CA LYS C 55 14.17 29.26 25.61
C LYS C 55 12.93 28.41 25.82
N GLU C 56 11.78 28.91 25.38
CA GLU C 56 10.52 28.17 25.46
C GLU C 56 9.79 28.21 24.12
N PHE C 57 9.11 27.12 23.79
CA PHE C 57 8.40 27.00 22.52
C PHE C 57 6.91 26.91 22.79
N PRO C 58 6.12 27.93 22.44
CA PRO C 58 4.67 27.83 22.65
C PRO C 58 4.03 26.62 21.97
N MET C 59 4.46 26.24 20.77
CA MET C 59 3.97 25.02 20.14
C MET C 59 5.10 24.40 19.32
N LEU C 60 5.44 23.16 19.63
CA LEU C 60 6.51 22.43 18.97
C LEU C 60 5.92 21.17 18.35
N VAL C 61 6.05 21.04 17.04
CA VAL C 61 5.60 19.84 16.32
C VAL C 61 6.84 19.00 16.05
N VAL C 62 6.90 17.82 16.66
CA VAL C 62 8.07 16.95 16.65
C VAL C 62 7.82 15.80 15.68
N ARG C 63 8.74 15.60 14.75
CA ARG C 63 8.64 14.52 13.79
C ARG C 63 8.95 13.18 14.45
N GLY C 64 8.06 12.22 14.29
CA GLY C 64 8.14 10.97 15.04
C GLY C 64 9.44 10.21 14.87
N ASP C 65 10.02 10.24 13.67
CA ASP C 65 11.20 9.42 13.40
C ASP C 65 12.41 9.84 14.21
N ASN C 66 12.35 10.97 14.92
CA ASN C 66 13.45 11.38 15.79
C ASN C 66 13.29 10.84 17.22
N VAL C 67 12.19 10.18 17.51
CA VAL C 67 11.86 9.87 18.90
C VAL C 67 12.57 8.58 19.32
N LEU C 68 13.25 8.65 20.47
CA LEU C 68 13.73 7.45 21.13
C LEU C 68 12.62 6.81 21.97
N TYR C 69 12.18 7.48 23.04
CA TYR C 69 10.99 7.05 23.76
C TYR C 69 10.31 8.25 24.41
N VAL C 70 9.06 8.03 24.83
CA VAL C 70 8.21 9.05 25.42
C VAL C 70 7.87 8.61 26.84
N SER C 71 8.21 9.46 27.81
CA SER C 71 7.92 9.19 29.21
C SER C 71 6.58 9.84 29.56
N LEU C 72 5.64 9.02 30.02
CA LEU C 72 4.30 9.46 30.39
C LEU C 72 4.12 9.49 31.90
N ASP D 3 3.72 -20.41 15.88
CA ASP D 3 3.77 -20.25 14.42
C ASP D 3 5.13 -19.73 13.98
N THR D 4 5.75 -20.50 13.07
CA THR D 4 7.10 -20.24 12.64
C THR D 4 7.27 -18.93 11.86
N GLN D 5 6.18 -18.24 11.54
CA GLN D 5 6.27 -17.04 10.70
C GLN D 5 5.86 -15.78 11.44
N ARG D 6 5.68 -15.87 12.75
CA ARG D 6 5.22 -14.74 13.56
C ARG D 6 6.16 -14.57 14.73
N PRO D 7 7.38 -14.10 14.48
CA PRO D 7 8.33 -13.94 15.58
C PRO D 7 7.86 -12.95 16.64
N LEU D 8 6.97 -12.00 16.31
CA LEU D 8 6.51 -11.04 17.31
C LEU D 8 5.46 -11.62 18.25
N ASP D 9 4.91 -12.81 17.95
CA ASP D 9 4.02 -13.48 18.89
C ASP D 9 4.73 -13.82 20.18
N ALA D 10 6.06 -13.86 20.16
CA ALA D 10 6.82 -14.07 21.39
C ALA D 10 6.61 -12.91 22.37
N LEU D 11 6.38 -11.71 21.86
CA LEU D 11 6.07 -10.59 22.76
C LEU D 11 4.67 -10.72 23.33
N GLY D 12 3.73 -11.24 22.53
CA GLY D 12 2.41 -11.51 23.06
C GLY D 12 2.43 -12.47 24.23
N LYS D 13 3.30 -13.47 24.18
CA LYS D 13 3.43 -14.44 25.26
C LYS D 13 4.16 -13.85 26.47
N SER D 14 4.71 -12.66 26.34
CA SER D 14 5.45 -12.04 27.43
C SER D 14 4.74 -10.82 27.99
N ILE D 15 3.52 -10.56 27.53
CA ILE D 15 2.76 -9.43 28.04
C ILE D 15 2.61 -9.58 29.55
N ASN D 16 2.73 -8.46 30.27
CA ASN D 16 2.62 -8.40 31.72
C ASN D 16 3.74 -9.17 32.39
N THR D 17 4.88 -9.31 31.72
CA THR D 17 6.11 -9.81 32.34
C THR D 17 7.22 -8.79 32.15
N ASN D 18 8.29 -8.96 32.92
CA ASN D 18 9.46 -8.11 32.79
C ASN D 18 10.27 -8.54 31.56
N VAL D 19 10.57 -7.57 30.70
CA VAL D 19 11.37 -7.79 29.50
C VAL D 19 12.47 -6.74 29.48
N THR D 20 13.50 -7.00 28.69
CA THR D 20 14.61 -6.07 28.50
C THR D 20 14.70 -5.73 27.01
N VAL D 21 14.49 -4.46 26.69
CA VAL D 21 14.62 -3.93 25.34
C VAL D 21 16.02 -3.37 25.17
N TYR D 22 16.78 -3.95 24.25
CA TYR D 22 18.10 -3.46 23.87
C TYR D 22 17.96 -2.51 22.69
N LEU D 23 18.47 -1.29 22.83
CA LEU D 23 18.37 -0.26 21.81
C LEU D 23 19.65 -0.15 21.00
N LYS D 24 19.52 0.42 19.80
CA LYS D 24 20.66 0.57 18.90
C LYS D 24 21.80 1.36 19.51
N ASP D 25 21.54 2.22 20.47
CA ASP D 25 22.60 3.07 21.01
C ASP D 25 23.37 2.42 22.15
N GLY D 26 23.02 1.19 22.53
CA GLY D 26 23.62 0.56 23.69
C GLY D 26 22.78 0.62 24.96
N LYS D 27 21.62 1.27 24.93
CA LYS D 27 20.78 1.32 26.11
C LYS D 27 20.08 -0.01 26.35
N LEU D 28 19.93 -0.36 27.63
CA LEU D 28 19.10 -1.48 28.09
C LEU D 28 17.90 -0.91 28.84
N VAL D 29 16.72 -1.00 28.24
CA VAL D 29 15.49 -0.54 28.87
C VAL D 29 14.76 -1.76 29.42
N LYS D 30 14.73 -1.87 30.74
CA LYS D 30 14.00 -2.93 31.45
C LYS D 30 12.62 -2.42 31.86
N GLY D 31 11.64 -3.32 31.89
CA GLY D 31 10.32 -2.93 32.34
C GLY D 31 9.28 -3.98 32.04
N ARG D 32 8.08 -3.73 32.55
CA ARG D 32 6.95 -4.64 32.38
C ARG D 32 6.25 -4.36 31.05
N LEU D 33 6.17 -5.38 30.19
CA LEU D 33 5.60 -5.23 28.85
C LEU D 33 4.08 -5.16 28.93
N LYS D 34 3.51 -4.02 28.54
CA LYS D 34 2.06 -3.84 28.49
C LYS D 34 1.47 -3.95 27.10
N ALA D 35 2.25 -3.66 26.05
CA ALA D 35 1.70 -3.56 24.70
C ALA D 35 2.85 -3.52 23.69
N TYR D 36 2.55 -3.96 22.47
CA TYR D 36 3.53 -3.94 21.38
C TYR D 36 2.75 -3.93 20.08
N ASP D 37 3.40 -3.49 19.01
CA ASP D 37 2.77 -3.56 17.69
C ASP D 37 3.75 -4.15 16.69
N LEU D 38 3.27 -4.32 15.45
CA LEU D 38 4.10 -4.86 14.37
C LEU D 38 5.27 -3.96 14.00
N HIS D 39 5.27 -2.69 14.41
CA HIS D 39 6.49 -1.89 14.24
C HIS D 39 7.52 -2.20 15.31
N MET D 40 7.15 -3.01 16.31
CA MET D 40 7.92 -3.22 17.52
C MET D 40 8.00 -1.97 18.38
N ASN D 41 7.04 -1.06 18.27
CA ASN D 41 6.81 -0.10 19.34
C ASN D 41 6.37 -0.88 20.58
N VAL D 42 6.89 -0.52 21.73
CA VAL D 42 6.48 -1.18 22.97
C VAL D 42 6.09 -0.14 24.01
N ALA D 43 5.17 -0.53 24.89
CA ALA D 43 4.87 0.22 26.10
C ALA D 43 5.37 -0.57 27.30
N LEU D 44 6.23 0.06 28.10
CA LEU D 44 6.85 -0.57 29.27
C LEU D 44 6.40 0.15 30.55
N GLU D 45 5.89 -0.63 31.51
CA GLU D 45 5.43 -0.09 32.77
C GLU D 45 6.54 -0.19 33.81
N ASN D 46 6.73 0.88 34.58
CA ASN D 46 7.71 0.91 35.67
C ASN D 46 9.09 0.49 35.15
N ALA D 47 9.62 1.31 34.24
CA ALA D 47 10.79 0.99 33.46
C ALA D 47 12.03 1.65 34.04
N LYS D 48 13.17 1.00 33.86
CA LYS D 48 14.45 1.55 34.27
C LYS D 48 15.47 1.43 33.13
N ILE D 49 16.45 2.31 33.17
CA ILE D 49 17.57 2.31 32.23
C ILE D 49 18.84 2.35 33.09
N GLU D 50 19.40 1.18 33.40
CA GLU D 50 20.50 1.07 34.34
C GLU D 50 21.71 1.92 33.96
N GLU D 54 16.24 5.19 42.09
CA GLU D 54 16.92 5.32 40.81
C GLU D 54 16.00 6.01 39.80
N LYS D 55 16.55 6.41 38.65
CA LYS D 55 15.72 7.01 37.60
C LYS D 55 14.72 5.98 37.08
N GLU D 56 13.44 6.18 37.36
CA GLU D 56 12.41 5.23 36.98
C GLU D 56 11.24 5.96 36.31
N PHE D 57 10.61 5.27 35.37
CA PHE D 57 9.55 5.84 34.54
C PHE D 57 8.27 5.03 34.72
N PRO D 58 7.18 5.61 35.22
CA PRO D 58 5.92 4.85 35.30
C PRO D 58 5.48 4.22 33.99
N MET D 59 5.54 4.95 32.87
CA MET D 59 5.17 4.38 31.58
C MET D 59 6.06 4.98 30.49
N LEU D 60 6.67 4.11 29.70
CA LEU D 60 7.62 4.50 28.68
C LEU D 60 7.19 3.85 27.37
N VAL D 61 6.96 4.67 26.33
CA VAL D 61 6.58 4.16 25.01
C VAL D 61 7.80 4.28 24.11
N VAL D 62 8.34 3.13 23.71
CA VAL D 62 9.59 3.06 22.99
C VAL D 62 9.28 2.88 21.51
N ARG D 63 9.93 3.69 20.67
CA ARG D 63 9.68 3.62 19.25
C ARG D 63 10.44 2.44 18.67
N GLY D 64 9.77 1.64 17.85
CA GLY D 64 10.33 0.35 17.45
C GLY D 64 11.60 0.45 16.62
N ASP D 65 11.75 1.53 15.86
CA ASP D 65 12.91 1.60 15.00
C ASP D 65 14.20 1.76 15.77
N ASN D 66 14.13 1.98 17.09
CA ASN D 66 15.35 2.02 17.92
C ASN D 66 15.77 0.66 18.45
N VAL D 67 14.95 -0.36 18.27
CA VAL D 67 15.20 -1.63 18.95
C VAL D 67 16.27 -2.42 18.21
N LEU D 68 17.27 -2.89 18.96
CA LEU D 68 18.19 -3.91 18.49
C LEU D 68 17.56 -5.29 18.66
N TYR D 69 17.38 -5.72 19.91
CA TYR D 69 16.62 -6.95 20.16
C TYR D 69 15.98 -6.89 21.54
N VAL D 70 15.01 -7.78 21.76
CA VAL D 70 14.25 -7.83 23.00
C VAL D 70 14.46 -9.19 23.65
N SER D 71 14.90 -9.17 24.91
CA SER D 71 15.08 -10.38 25.71
C SER D 71 13.82 -10.62 26.53
N LEU D 72 13.20 -11.77 26.34
CA LEU D 72 11.91 -12.04 26.95
C LEU D 72 12.05 -13.05 28.07
N ASP E 3 12.51 -22.11 -4.48
CA ASP E 3 12.22 -21.14 -5.53
C ASP E 3 13.21 -19.98 -5.53
N THR E 4 13.60 -19.56 -6.74
CA THR E 4 14.64 -18.55 -6.97
C THR E 4 14.18 -17.14 -6.64
N GLN E 5 12.89 -16.91 -6.41
CA GLN E 5 12.40 -15.59 -6.05
C GLN E 5 12.12 -15.46 -4.56
N ARG E 6 12.54 -16.42 -3.75
CA ARG E 6 12.16 -16.49 -2.33
C ARG E 6 13.38 -16.81 -1.46
N PRO E 7 14.33 -15.89 -1.37
CA PRO E 7 15.51 -16.17 -0.53
C PRO E 7 15.20 -16.44 0.95
N LEU E 8 14.16 -15.80 1.53
CA LEU E 8 13.87 -16.06 2.94
C LEU E 8 13.27 -17.44 3.20
N ASP E 9 12.90 -18.20 2.16
CA ASP E 9 12.54 -19.60 2.36
C ASP E 9 13.70 -20.42 2.93
N ALA E 10 14.95 -20.01 2.67
CA ALA E 10 16.07 -20.68 3.31
C ALA E 10 15.96 -20.62 4.83
N LEU E 11 15.39 -19.54 5.38
CA LEU E 11 15.16 -19.50 6.82
C LEU E 11 14.14 -20.55 7.22
N GLY E 12 13.12 -20.75 6.39
CA GLY E 12 12.14 -21.80 6.63
C GLY E 12 12.75 -23.19 6.72
N LYS E 13 13.78 -23.46 5.89
CA LYS E 13 14.41 -24.77 5.96
C LYS E 13 15.30 -24.93 7.17
N SER E 14 15.63 -23.85 7.86
CA SER E 14 16.50 -23.88 9.02
C SER E 14 15.74 -23.71 10.33
N ILE E 15 14.40 -23.75 10.30
CA ILE E 15 13.64 -23.61 11.53
C ILE E 15 14.03 -24.74 12.47
N ASN E 16 14.24 -24.38 13.74
CA ASN E 16 14.62 -25.31 14.80
C ASN E 16 16.05 -25.80 14.69
N THR E 17 16.88 -25.14 13.90
CA THR E 17 18.31 -25.40 13.86
C THR E 17 19.06 -24.18 14.37
N ASN E 18 20.35 -24.36 14.65
CA ASN E 18 21.15 -23.25 15.16
C ASN E 18 21.65 -22.39 14.00
N VAL E 19 21.52 -21.07 14.13
CA VAL E 19 21.95 -20.14 13.09
C VAL E 19 22.76 -19.03 13.74
N THR E 20 23.47 -18.27 12.89
CA THR E 20 24.21 -17.10 13.32
C THR E 20 23.67 -15.89 12.57
N VAL E 21 23.14 -14.93 13.32
CA VAL E 21 22.65 -13.68 12.77
C VAL E 21 23.75 -12.65 12.96
N TYR E 22 24.35 -12.21 11.85
CA TYR E 22 25.33 -11.13 11.89
C TYR E 22 24.59 -9.80 11.82
N LEU E 23 24.94 -8.88 12.70
CA LEU E 23 24.27 -7.58 12.78
C LEU E 23 25.15 -6.48 12.18
N LYS E 24 24.50 -5.38 11.80
CA LYS E 24 25.21 -4.27 11.17
C LYS E 24 26.31 -3.72 12.06
N ASP E 25 26.09 -3.67 13.38
CA ASP E 25 27.07 -3.07 14.28
C ASP E 25 28.27 -3.98 14.55
N GLY E 26 28.37 -5.13 13.89
CA GLY E 26 29.44 -6.07 14.10
C GLY E 26 29.13 -7.21 15.06
N LYS E 27 28.00 -7.15 15.78
CA LYS E 27 27.63 -8.24 16.66
C LYS E 27 27.30 -9.50 15.88
N LEU E 28 27.51 -10.66 16.53
CA LEU E 28 27.09 -11.97 16.07
C LEU E 28 26.18 -12.57 17.12
N VAL E 29 24.97 -12.98 16.72
CA VAL E 29 24.03 -13.60 17.65
C VAL E 29 23.76 -15.01 17.15
N LYS E 30 23.99 -15.98 18.03
CA LYS E 30 23.74 -17.38 17.72
C LYS E 30 22.60 -17.89 18.61
N GLY E 31 21.81 -18.79 18.05
CA GLY E 31 20.70 -19.38 18.78
C GLY E 31 19.87 -20.18 17.81
N ARG E 32 18.90 -20.89 18.38
CA ARG E 32 18.02 -21.76 17.59
C ARG E 32 16.88 -20.92 17.03
N LEU E 33 16.66 -21.02 15.73
CA LEU E 33 15.70 -20.20 15.02
C LEU E 33 14.30 -20.75 15.24
N LYS E 34 13.46 -19.99 15.95
CA LYS E 34 12.10 -20.45 16.21
C LYS E 34 11.07 -19.83 15.28
N ALA E 35 11.33 -18.64 14.74
CA ALA E 35 10.38 -18.00 13.83
C ALA E 35 11.10 -16.87 13.10
N TYR E 36 10.51 -16.46 11.97
CA TYR E 36 11.00 -15.33 11.18
C TYR E 36 9.83 -14.79 10.37
N ASP E 37 9.94 -13.54 9.95
CA ASP E 37 8.94 -12.96 9.05
C ASP E 37 9.62 -12.32 7.85
N LEU E 38 8.85 -11.59 7.02
CA LEU E 38 9.39 -11.06 5.77
C LEU E 38 10.18 -9.77 5.95
N HIS E 39 10.14 -9.15 7.13
CA HIS E 39 11.11 -8.12 7.47
C HIS E 39 12.44 -8.68 7.95
N MET E 40 12.58 -10.02 7.99
CA MET E 40 13.70 -10.71 8.61
C MET E 40 13.78 -10.49 10.12
N ASN E 41 12.68 -10.07 10.76
CA ASN E 41 12.60 -10.26 12.22
C ASN E 41 12.76 -11.75 12.51
N VAL E 42 13.58 -12.11 13.51
CA VAL E 42 13.74 -13.51 13.89
C VAL E 42 13.59 -13.68 15.41
N ALA E 43 13.03 -14.82 15.80
CA ALA E 43 12.97 -15.22 17.21
C ALA E 43 14.00 -16.32 17.45
N LEU E 44 14.88 -16.11 18.42
CA LEU E 44 16.02 -16.99 18.67
C LEU E 44 15.93 -17.53 20.10
N GLU E 45 15.91 -18.85 20.22
CA GLU E 45 15.89 -19.50 21.51
C GLU E 45 17.31 -19.83 21.95
N ASN E 46 17.59 -19.64 23.23
CA ASN E 46 18.91 -19.87 23.82
C ASN E 46 19.99 -19.10 23.07
N ALA E 47 19.74 -17.79 22.94
CA ALA E 47 20.60 -16.93 22.15
C ALA E 47 21.84 -16.57 22.94
N LYS E 48 22.97 -16.54 22.25
CA LYS E 48 24.24 -16.09 22.81
C LYS E 48 24.82 -15.00 21.92
N ILE E 49 25.33 -13.94 22.54
CA ILE E 49 26.06 -12.90 21.81
C ILE E 49 27.53 -12.98 22.21
N GLU E 50 28.40 -13.02 21.21
CA GLU E 50 29.84 -13.20 21.42
C GLU E 50 30.45 -12.06 22.24
N SER E 51 29.62 -11.08 22.65
CA SER E 51 30.08 -10.09 23.62
C SER E 51 30.19 -10.68 25.02
N ASP E 52 29.51 -11.80 25.29
CA ASP E 52 29.68 -12.53 26.54
C ASP E 52 29.14 -13.94 26.37
N GLU E 53 29.96 -14.94 26.71
CA GLU E 53 29.70 -16.33 26.38
C GLU E 53 29.05 -17.11 27.53
N GLU E 54 28.45 -16.41 28.49
CA GLU E 54 27.83 -17.09 29.63
C GLU E 54 26.35 -16.78 29.80
N LYS E 55 25.88 -15.63 29.31
CA LYS E 55 24.45 -15.34 29.33
C LYS E 55 23.80 -16.04 28.13
N GLU E 56 22.93 -17.02 28.41
CA GLU E 56 22.09 -17.62 27.38
C GLU E 56 20.69 -17.05 27.57
N PHE E 57 20.31 -16.12 26.70
CA PHE E 57 18.98 -15.53 26.72
C PHE E 57 17.94 -16.58 26.39
N PRO E 58 17.01 -16.89 27.30
CA PRO E 58 15.97 -17.89 26.95
C PRO E 58 15.29 -17.62 25.61
N MET E 59 15.06 -16.34 25.27
CA MET E 59 14.29 -16.00 24.08
C MET E 59 14.65 -14.58 23.69
N LEU E 60 15.14 -14.42 22.47
CA LEU E 60 15.57 -13.11 21.98
C LEU E 60 14.88 -12.83 20.65
N VAL E 61 14.25 -11.67 20.53
CA VAL E 61 13.61 -11.29 19.27
C VAL E 61 14.43 -10.17 18.66
N VAL E 62 14.99 -10.44 17.48
CA VAL E 62 15.92 -9.50 16.85
C VAL E 62 15.18 -8.74 15.75
N ARG E 63 15.29 -7.41 15.79
CA ARG E 63 14.65 -6.60 14.75
C ARG E 63 15.37 -6.77 13.41
N GLY E 64 14.62 -7.11 12.37
CA GLY E 64 15.22 -7.42 11.08
C GLY E 64 16.09 -6.31 10.47
N ASP E 65 15.76 -5.04 10.70
CA ASP E 65 16.56 -4.02 10.01
C ASP E 65 17.97 -3.91 10.57
N ASN E 66 18.27 -4.58 11.67
CA ASN E 66 19.63 -4.63 12.20
C ASN E 66 20.48 -5.71 11.54
N VAL E 67 19.90 -6.52 10.66
CA VAL E 67 20.58 -7.73 10.18
C VAL E 67 21.46 -7.39 8.99
N LEU E 68 22.72 -7.83 9.06
CA LEU E 68 23.60 -7.83 7.89
C LEU E 68 23.34 -9.09 7.05
N TYR E 69 23.64 -10.26 7.61
CA TYR E 69 23.25 -11.50 6.96
C TYR E 69 23.09 -12.57 8.02
N VAL E 70 22.39 -13.63 7.64
CA VAL E 70 22.14 -14.76 8.52
C VAL E 70 22.83 -16.00 7.94
N SER E 71 23.69 -16.64 8.73
CA SER E 71 24.34 -17.89 8.36
C SER E 71 23.53 -19.07 8.88
N LEU E 72 23.13 -19.95 7.97
CA LEU E 72 22.30 -21.09 8.35
C LEU E 72 23.12 -22.36 8.42
N ASP F 3 14.09 -7.22 -20.04
CA ASP F 3 13.33 -5.99 -20.18
C ASP F 3 14.05 -4.83 -19.50
N THR F 4 13.95 -3.66 -20.13
CA THR F 4 14.71 -2.47 -19.75
C THR F 4 14.15 -1.77 -18.52
N GLN F 5 13.07 -2.28 -17.94
CA GLN F 5 12.49 -1.76 -16.72
C GLN F 5 12.62 -2.72 -15.56
N ARG F 6 13.33 -3.83 -15.74
CA ARG F 6 13.50 -4.87 -14.73
C ARG F 6 14.97 -5.19 -14.55
N PRO F 7 15.72 -4.28 -13.91
CA PRO F 7 17.15 -4.56 -13.69
C PRO F 7 17.42 -5.84 -12.90
N LEU F 8 16.56 -6.21 -11.94
CA LEU F 8 16.85 -7.39 -11.14
C LEU F 8 16.67 -8.70 -11.90
N ASP F 9 16.04 -8.68 -13.08
CA ASP F 9 16.02 -9.86 -13.94
C ASP F 9 17.43 -10.33 -14.31
N ALA F 10 18.41 -9.42 -14.32
CA ALA F 10 19.79 -9.86 -14.52
C ALA F 10 20.23 -10.82 -13.42
N LEU F 11 19.84 -10.56 -12.18
CA LEU F 11 20.09 -11.54 -11.13
C LEU F 11 19.51 -12.89 -11.51
N GLY F 12 18.29 -12.90 -12.05
CA GLY F 12 17.70 -14.13 -12.52
C GLY F 12 18.55 -14.89 -13.52
N LYS F 13 19.31 -14.17 -14.36
CA LYS F 13 20.14 -14.86 -15.34
C LYS F 13 21.41 -15.44 -14.73
N SER F 14 21.71 -15.13 -13.47
CA SER F 14 22.89 -15.65 -12.80
C SER F 14 22.55 -16.73 -11.77
N ILE F 15 21.31 -17.24 -11.77
CA ILE F 15 20.92 -18.23 -10.78
C ILE F 15 21.76 -19.48 -10.93
N ASN F 16 22.25 -19.99 -9.80
CA ASN F 16 23.11 -21.18 -9.72
C ASN F 16 24.51 -20.94 -10.27
N THR F 17 24.95 -19.68 -10.32
CA THR F 17 26.32 -19.34 -10.64
C THR F 17 26.89 -18.43 -9.57
N ASN F 18 28.21 -18.25 -9.62
CA ASN F 18 28.92 -17.45 -8.62
C ASN F 18 28.81 -15.96 -8.90
N VAL F 19 28.50 -15.18 -7.87
CA VAL F 19 28.41 -13.73 -7.96
C VAL F 19 29.13 -13.13 -6.76
N THR F 20 29.42 -11.83 -6.85
CA THR F 20 30.01 -11.08 -5.75
C THR F 20 29.05 -9.97 -5.32
N VAL F 21 28.69 -9.98 -4.05
CA VAL F 21 27.77 -9.00 -3.47
C VAL F 21 28.61 -8.01 -2.67
N TYR F 22 28.67 -6.78 -3.15
CA TYR F 22 29.37 -5.70 -2.45
C TYR F 22 28.43 -5.08 -1.43
N LEU F 23 28.88 -4.98 -0.19
CA LEU F 23 28.05 -4.42 0.87
C LEU F 23 28.44 -2.97 1.13
N LYS F 24 27.50 -2.22 1.72
CA LYS F 24 27.74 -0.81 2.01
C LYS F 24 29.01 -0.61 2.84
N ASP F 25 29.26 -1.50 3.80
CA ASP F 25 30.38 -1.32 4.71
C ASP F 25 31.71 -1.74 4.12
N GLY F 26 31.75 -2.09 2.84
CA GLY F 26 32.99 -2.46 2.19
C GLY F 26 33.25 -3.95 2.11
N LYS F 27 32.38 -4.79 2.65
CA LYS F 27 32.60 -6.22 2.53
C LYS F 27 32.30 -6.68 1.10
N LEU F 28 33.02 -7.71 0.67
CA LEU F 28 32.72 -8.48 -0.53
C LEU F 28 32.27 -9.87 -0.08
N VAL F 29 31.08 -10.27 -0.51
CA VAL F 29 30.54 -11.59 -0.23
C VAL F 29 30.40 -12.30 -1.57
N LYS F 30 31.13 -13.40 -1.74
CA LYS F 30 31.10 -14.21 -2.95
C LYS F 30 30.42 -15.54 -2.65
N GLY F 31 29.63 -16.03 -3.60
CA GLY F 31 28.91 -17.28 -3.41
C GLY F 31 28.04 -17.57 -4.60
N ARG F 32 27.42 -18.74 -4.57
CA ARG F 32 26.56 -19.16 -5.65
C ARG F 32 25.14 -18.66 -5.40
N LEU F 33 24.61 -17.87 -6.34
CA LEU F 33 23.30 -17.27 -6.15
C LEU F 33 22.19 -18.30 -6.29
N LYS F 34 21.45 -18.53 -5.21
CA LYS F 34 20.30 -19.43 -5.23
C LYS F 34 18.97 -18.70 -5.37
N ALA F 35 18.88 -17.46 -4.91
CA ALA F 35 17.58 -16.80 -4.87
C ALA F 35 17.77 -15.33 -4.58
N TYR F 36 16.79 -14.54 -4.98
CA TYR F 36 16.81 -13.10 -4.76
C TYR F 36 15.37 -12.61 -4.80
N ASP F 37 15.10 -11.49 -4.11
CA ASP F 37 13.77 -10.90 -4.21
C ASP F 37 13.87 -9.44 -4.64
N LEU F 38 12.73 -8.76 -4.69
CA LEU F 38 12.70 -7.37 -5.16
C LEU F 38 13.30 -6.39 -4.15
N HIS F 39 13.56 -6.81 -2.92
CA HIS F 39 14.35 -6.02 -1.99
C HIS F 39 15.84 -6.19 -2.20
N MET F 40 16.24 -7.01 -3.16
CA MET F 40 17.60 -7.48 -3.29
C MET F 40 18.09 -8.23 -2.04
N ASN F 41 17.19 -8.86 -1.27
CA ASN F 41 17.67 -9.95 -0.43
C ASN F 41 18.15 -11.05 -1.36
N VAL F 42 19.27 -11.68 -1.00
CA VAL F 42 19.85 -12.76 -1.81
C VAL F 42 20.22 -13.94 -0.93
N ALA F 43 20.17 -15.12 -1.52
CA ALA F 43 20.59 -16.35 -0.84
C ALA F 43 21.81 -16.89 -1.57
N LEU F 44 22.89 -17.10 -0.82
CA LEU F 44 24.19 -17.48 -1.39
C LEU F 44 24.67 -18.79 -0.78
N GLU F 45 24.96 -19.76 -1.64
CA GLU F 45 25.51 -21.04 -1.25
C GLU F 45 27.03 -20.97 -1.26
N ASN F 46 27.67 -21.58 -0.25
CA ASN F 46 29.13 -21.59 -0.16
C ASN F 46 29.72 -20.18 -0.18
N ALA F 47 29.13 -19.29 0.61
CA ALA F 47 29.55 -17.91 0.62
C ALA F 47 30.91 -17.76 1.30
N LYS F 48 31.73 -16.85 0.78
CA LYS F 48 32.98 -16.45 1.44
C LYS F 48 33.06 -14.93 1.49
N ILE F 49 33.67 -14.40 2.56
CA ILE F 49 34.04 -13.00 2.63
C ILE F 49 35.50 -12.86 2.21
N GLU F 50 35.77 -11.86 1.38
CA GLU F 50 37.08 -11.75 0.71
C GLU F 50 38.23 -11.68 1.71
N SER F 51 38.15 -10.78 2.68
CA SER F 51 39.26 -10.52 3.58
C SER F 51 39.33 -11.50 4.76
N ASP F 52 38.43 -12.50 4.81
CA ASP F 52 38.46 -13.56 5.83
C ASP F 52 38.49 -14.87 5.07
N GLU F 53 39.67 -15.20 4.51
CA GLU F 53 39.80 -16.28 3.52
C GLU F 53 39.19 -17.59 4.01
N GLU F 54 39.42 -17.95 5.27
CA GLU F 54 38.97 -19.23 5.78
C GLU F 54 37.53 -19.22 6.27
N LYS F 55 36.87 -18.07 6.30
CA LYS F 55 35.49 -17.99 6.75
C LYS F 55 34.57 -18.48 5.63
N GLU F 56 34.08 -19.71 5.77
CA GLU F 56 33.17 -20.33 4.82
C GLU F 56 31.76 -20.46 5.40
N PHE F 57 30.75 -20.27 4.56
CA PHE F 57 29.36 -20.31 4.98
C PHE F 57 28.56 -21.19 4.02
N PRO F 58 28.09 -22.36 4.46
CA PRO F 58 27.23 -23.20 3.61
C PRO F 58 26.04 -22.49 3.00
N MET F 59 25.44 -21.53 3.70
CA MET F 59 24.26 -20.84 3.18
C MET F 59 24.14 -19.49 3.87
N LEU F 60 24.21 -18.41 3.10
CA LEU F 60 24.11 -17.07 3.67
C LEU F 60 22.92 -16.36 3.06
N VAL F 61 22.03 -15.84 3.90
CA VAL F 61 20.98 -14.96 3.41
C VAL F 61 21.37 -13.53 3.76
N VAL F 62 21.50 -12.69 2.73
CA VAL F 62 21.97 -11.31 2.85
C VAL F 62 20.75 -10.39 2.77
N ARG F 63 20.59 -9.53 3.77
CA ARG F 63 19.51 -8.55 3.71
C ARG F 63 19.85 -7.49 2.68
N GLY F 64 18.92 -7.19 1.78
CA GLY F 64 19.23 -6.37 0.61
C GLY F 64 19.57 -4.91 0.91
N ASP F 65 19.06 -4.37 2.01
CA ASP F 65 19.36 -2.98 2.26
C ASP F 65 20.81 -2.76 2.67
N ASN F 66 21.60 -3.82 2.85
CA ASN F 66 23.04 -3.69 3.01
C ASN F 66 23.79 -3.68 1.68
N VAL F 67 23.10 -3.86 0.55
CA VAL F 67 23.80 -4.10 -0.70
C VAL F 67 24.18 -2.77 -1.33
N LEU F 68 25.42 -2.71 -1.84
CA LEU F 68 25.86 -1.62 -2.70
C LEU F 68 25.58 -1.96 -4.17
N TYR F 69 26.16 -3.05 -4.66
CA TYR F 69 25.86 -3.57 -5.98
C TYR F 69 26.30 -5.03 -6.04
N VAL F 70 25.81 -5.73 -7.06
CA VAL F 70 26.12 -7.14 -7.27
C VAL F 70 26.84 -7.28 -8.61
N SER F 71 28.01 -7.91 -8.58
CA SER F 71 28.78 -8.21 -9.79
C SER F 71 28.39 -9.58 -10.30
N LEU F 72 27.88 -9.65 -11.52
CA LEU F 72 27.46 -10.91 -12.09
C LEU F 72 28.54 -11.48 -13.00
N ASP G 3 7.82 14.16 -19.86
CA ASP G 3 6.72 14.53 -18.98
C ASP G 3 7.28 15.10 -17.68
N THR G 4 6.72 16.25 -17.26
CA THR G 4 7.27 17.04 -16.16
C THR G 4 7.12 16.37 -14.80
N GLN G 5 6.36 15.29 -14.69
CA GLN G 5 6.24 14.57 -13.44
C GLN G 5 6.89 13.19 -13.48
N ARG G 6 7.68 12.88 -14.51
CA ARG G 6 8.35 11.59 -14.63
C ARG G 6 9.85 11.78 -14.86
N PRO G 7 10.60 12.15 -13.82
CA PRO G 7 12.03 12.39 -14.02
C PRO G 7 12.81 11.15 -14.42
N LEU G 8 12.39 9.96 -14.00
CA LEU G 8 13.14 8.75 -14.34
C LEU G 8 12.95 8.34 -15.78
N ASP G 9 11.93 8.88 -16.47
CA ASP G 9 11.85 8.72 -17.93
C ASP G 9 13.12 9.16 -18.64
N ALA G 10 13.87 10.09 -18.06
CA ALA G 10 15.15 10.44 -18.66
C ALA G 10 16.09 9.24 -18.71
N LEU G 11 16.00 8.34 -17.72
CA LEU G 11 16.79 7.11 -17.79
C LEU G 11 16.36 6.24 -18.97
N GLY G 12 15.04 6.16 -19.21
CA GLY G 12 14.56 5.41 -20.37
C GLY G 12 15.06 5.97 -21.68
N LYS G 13 15.33 7.27 -21.75
CA LYS G 13 15.88 7.85 -22.96
C LYS G 13 17.35 7.51 -23.12
N SER G 14 18.01 7.09 -22.04
CA SER G 14 19.44 6.79 -22.06
C SER G 14 19.72 5.29 -22.13
N ILE G 15 18.71 4.46 -22.35
CA ILE G 15 18.95 3.03 -22.37
C ILE G 15 19.94 2.68 -23.49
N ASN G 16 20.88 1.78 -23.17
CA ASN G 16 21.93 1.29 -24.07
C ASN G 16 22.96 2.35 -24.44
N THR G 17 23.00 3.46 -23.70
CA THR G 17 24.08 4.42 -23.77
C THR G 17 24.90 4.34 -22.48
N ASN G 18 26.07 4.98 -22.49
CA ASN G 18 26.94 5.02 -21.33
C ASN G 18 26.49 6.11 -20.35
N VAL G 19 26.29 5.73 -19.09
CA VAL G 19 25.92 6.67 -18.05
C VAL G 19 26.97 6.59 -16.95
N THR G 20 26.93 7.58 -16.06
CA THR G 20 27.80 7.61 -14.89
C THR G 20 26.93 7.74 -13.64
N VAL G 21 27.01 6.75 -12.76
CA VAL G 21 26.21 6.72 -11.54
C VAL G 21 27.11 7.16 -10.38
N TYR G 22 26.74 8.28 -9.76
CA TYR G 22 27.40 8.79 -8.57
C TYR G 22 26.72 8.20 -7.33
N LEU G 23 27.51 7.55 -6.47
CA LEU G 23 27.01 6.94 -5.24
C LEU G 23 27.29 7.86 -4.05
N LYS G 24 26.58 7.60 -2.95
CA LYS G 24 26.73 8.43 -1.76
C LYS G 24 28.15 8.35 -1.18
N ASP G 25 28.83 7.22 -1.34
CA ASP G 25 30.16 7.06 -0.77
C ASP G 25 31.27 7.66 -1.65
N GLY G 26 30.93 8.46 -2.65
CA GLY G 26 31.90 9.09 -3.49
C GLY G 26 32.33 8.28 -4.71
N LYS G 27 31.86 7.05 -4.86
CA LYS G 27 32.21 6.27 -6.03
C LYS G 27 31.50 6.80 -7.27
N LEU G 28 32.19 6.71 -8.41
CA LEU G 28 31.61 6.93 -9.73
C LEU G 28 31.63 5.60 -10.46
N VAL G 29 30.46 5.15 -10.90
CA VAL G 29 30.31 3.90 -11.64
C VAL G 29 29.85 4.25 -13.04
N LYS G 30 30.67 3.93 -14.04
CA LYS G 30 30.34 4.19 -15.43
C LYS G 30 30.13 2.87 -16.16
N GLY G 31 29.11 2.84 -17.01
CA GLY G 31 28.89 1.68 -17.86
C GLY G 31 27.63 1.89 -18.66
N ARG G 32 27.30 0.90 -19.46
CA ARG G 32 26.16 1.03 -20.35
C ARG G 32 24.88 0.61 -19.64
N LEU G 33 23.89 1.50 -19.65
CA LEU G 33 22.63 1.31 -18.93
C LEU G 33 21.78 0.31 -19.69
N LYS G 34 21.55 -0.85 -19.11
CA LYS G 34 20.69 -1.87 -19.69
C LYS G 34 19.28 -1.86 -19.11
N ALA G 35 19.11 -1.43 -17.85
CA ALA G 35 17.80 -1.46 -17.23
C ALA G 35 17.79 -0.58 -15.98
N TYR G 36 16.61 -0.04 -15.69
CA TYR G 36 16.40 0.70 -14.46
C TYR G 36 14.98 0.45 -13.99
N ASP G 37 14.70 0.76 -12.72
CA ASP G 37 13.31 0.75 -12.26
C ASP G 37 13.03 1.99 -11.42
N LEU G 38 11.83 2.01 -10.84
CA LEU G 38 11.35 3.17 -10.10
C LEU G 38 12.06 3.38 -8.77
N HIS G 39 12.86 2.42 -8.29
CA HIS G 39 13.71 2.65 -7.13
C HIS G 39 15.06 3.21 -7.51
N MET G 40 15.33 3.36 -8.81
CA MET G 40 16.64 3.71 -9.35
C MET G 40 17.68 2.62 -9.14
N ASN G 41 17.25 1.36 -8.95
CA ASN G 41 18.14 0.25 -9.27
C ASN G 41 18.49 0.31 -10.76
N VAL G 42 19.76 0.09 -11.10
CA VAL G 42 20.16 0.07 -12.50
C VAL G 42 21.02 -1.14 -12.78
N ALA G 43 20.92 -1.65 -14.00
CA ALA G 43 21.81 -2.68 -14.52
C ALA G 43 22.79 -2.03 -15.49
N LEU G 44 24.07 -2.10 -15.16
CA LEU G 44 25.15 -1.52 -15.95
C LEU G 44 26.02 -2.64 -16.53
N GLU G 45 26.13 -2.65 -17.86
CA GLU G 45 26.97 -3.60 -18.59
C GLU G 45 28.37 -3.04 -18.81
N ASN G 46 29.38 -3.91 -18.60
CA ASN G 46 30.79 -3.52 -18.71
C ASN G 46 31.09 -2.24 -17.94
N ALA G 47 30.78 -2.30 -16.65
CA ALA G 47 30.96 -1.16 -15.76
C ALA G 47 32.41 -1.01 -15.33
N LYS G 48 32.78 0.23 -15.01
CA LYS G 48 34.07 0.55 -14.42
C LYS G 48 33.86 1.51 -13.26
N ILE G 49 34.70 1.39 -12.24
CA ILE G 49 34.70 2.32 -11.11
C ILE G 49 35.96 3.16 -11.19
N GLU G 50 35.80 4.48 -11.11
CA GLU G 50 36.91 5.41 -11.33
C GLU G 50 38.07 5.13 -10.38
N SER G 51 37.77 4.79 -9.12
CA SER G 51 38.83 4.54 -8.14
C SER G 51 39.72 3.37 -8.58
N ASP G 52 39.10 2.31 -9.11
CA ASP G 52 39.83 1.08 -9.49
C ASP G 52 39.54 0.78 -10.96
N GLU G 53 40.25 1.49 -11.85
CA GLU G 53 40.00 1.43 -13.28
C GLU G 53 40.60 0.21 -13.95
N GLU G 54 41.07 -0.78 -13.18
CA GLU G 54 41.55 -2.02 -13.75
C GLU G 54 40.60 -3.19 -13.55
N LYS G 55 39.63 -3.07 -12.64
CA LYS G 55 38.64 -4.10 -12.48
C LYS G 55 37.56 -3.98 -13.55
N GLU G 56 37.31 -5.07 -14.26
CA GLU G 56 36.19 -5.16 -15.17
C GLU G 56 34.94 -5.62 -14.39
N PHE G 57 33.78 -5.15 -14.82
CA PHE G 57 32.50 -5.61 -14.29
C PHE G 57 31.56 -5.86 -15.47
N PRO G 58 31.55 -7.09 -16.01
CA PRO G 58 30.69 -7.38 -17.16
C PRO G 58 29.24 -6.98 -16.96
N MET G 59 28.66 -7.24 -15.79
CA MET G 59 27.30 -6.80 -15.49
C MET G 59 27.19 -6.46 -14.01
N LEU G 60 26.75 -5.25 -13.72
CA LEU G 60 26.68 -4.74 -12.36
C LEU G 60 25.25 -4.29 -12.09
N VAL G 61 24.63 -4.84 -11.05
CA VAL G 61 23.30 -4.40 -10.62
C VAL G 61 23.48 -3.57 -9.36
N VAL G 62 23.17 -2.27 -9.47
CA VAL G 62 23.43 -1.29 -8.42
C VAL G 62 22.11 -0.97 -7.71
N ARG G 63 22.12 -1.03 -6.39
CA ARG G 63 20.92 -0.75 -5.61
C ARG G 63 20.65 0.74 -5.55
N GLY G 64 19.43 1.15 -5.91
CA GLY G 64 19.11 2.57 -6.07
C GLY G 64 19.32 3.44 -4.85
N ASP G 65 19.13 2.88 -3.65
CA ASP G 65 19.23 3.69 -2.43
C ASP G 65 20.65 4.22 -2.20
N ASN G 66 21.65 3.66 -2.87
CA ASN G 66 23.02 4.15 -2.79
C ASN G 66 23.29 5.30 -3.75
N VAL G 67 22.34 5.65 -4.62
CA VAL G 67 22.60 6.57 -5.73
C VAL G 67 22.48 8.01 -5.27
N LEU G 68 23.49 8.82 -5.62
CA LEU G 68 23.40 10.28 -5.46
C LEU G 68 22.71 10.90 -6.67
N TYR G 69 23.32 10.81 -7.84
CA TYR G 69 22.65 11.22 -9.06
C TYR G 69 23.26 10.44 -10.22
N VAL G 70 22.50 10.35 -11.30
CA VAL G 70 22.94 9.71 -12.53
C VAL G 70 23.17 10.79 -13.59
N SER G 71 24.33 10.75 -14.24
CA SER G 71 24.66 11.66 -15.33
C SER G 71 24.44 10.96 -16.66
N LEU G 72 23.56 11.54 -17.48
CA LEU G 72 23.14 10.96 -18.74
C LEU G 72 23.85 11.62 -19.92
N MET H 2 -8.74 23.21 -10.53
CA MET H 2 -8.77 23.25 -12.00
C MET H 2 -7.51 22.64 -12.61
N ASP H 3 -6.65 22.05 -11.77
CA ASP H 3 -5.53 21.27 -12.29
C ASP H 3 -6.07 20.05 -13.02
N THR H 4 -5.42 19.68 -14.13
CA THR H 4 -5.95 18.68 -15.05
C THR H 4 -5.89 17.25 -14.50
N GLN H 5 -5.13 17.01 -13.44
CA GLN H 5 -5.03 15.67 -12.88
C GLN H 5 -5.77 15.52 -11.56
N ARG H 6 -6.57 16.50 -11.18
CA ARG H 6 -7.24 16.52 -9.88
C ARG H 6 -8.71 16.85 -10.09
N PRO H 7 -9.48 15.94 -10.66
CA PRO H 7 -10.88 16.27 -10.93
C PRO H 7 -11.69 16.52 -9.67
N LEU H 8 -11.34 15.89 -8.55
CA LEU H 8 -12.07 16.15 -7.31
C LEU H 8 -11.83 17.55 -6.76
N ASP H 9 -10.84 18.28 -7.28
CA ASP H 9 -10.69 19.67 -6.88
C ASP H 9 -11.93 20.50 -7.21
N ALA H 10 -12.72 20.08 -8.19
CA ALA H 10 -13.96 20.81 -8.48
C ALA H 10 -14.96 20.70 -7.34
N LEU H 11 -14.96 19.61 -6.57
CA LEU H 11 -15.74 19.58 -5.33
C LEU H 11 -15.27 20.66 -4.38
N GLY H 12 -13.95 20.78 -4.16
CA GLY H 12 -13.46 21.78 -3.24
C GLY H 12 -13.91 23.18 -3.61
N LYS H 13 -13.93 23.49 -4.91
CA LYS H 13 -14.40 24.80 -5.36
C LYS H 13 -15.87 25.04 -5.06
N SER H 14 -16.64 23.98 -4.79
CA SER H 14 -18.07 24.10 -4.55
C SER H 14 -18.44 23.91 -3.09
N ILE H 15 -17.45 23.91 -2.18
CA ILE H 15 -17.74 23.81 -0.77
C ILE H 15 -18.71 24.91 -0.37
N ASN H 16 -19.63 24.58 0.54
CA ASN H 16 -20.65 25.46 1.08
C ASN H 16 -21.63 25.95 0.02
N THR H 17 -21.74 25.22 -1.08
CA THR H 17 -22.75 25.51 -2.09
C THR H 17 -23.61 24.28 -2.30
N ASN H 18 -24.76 24.51 -2.94
CA ASN H 18 -25.67 23.42 -3.23
C ASN H 18 -25.13 22.59 -4.38
N VAL H 19 -25.15 21.26 -4.23
CA VAL H 19 -24.75 20.34 -5.28
C VAL H 19 -25.81 19.27 -5.37
N THR H 20 -25.84 18.58 -6.51
CA THR H 20 -26.73 17.43 -6.67
C THR H 20 -25.88 16.18 -6.90
N VAL H 21 -26.07 15.19 -6.03
CA VAL H 21 -25.35 13.91 -6.11
C VAL H 21 -26.27 12.88 -6.74
N TYR H 22 -25.91 12.41 -7.93
CA TYR H 22 -26.61 11.34 -8.59
C TYR H 22 -26.00 10.00 -8.16
N LEU H 23 -26.83 9.11 -7.61
CA LEU H 23 -26.39 7.81 -7.14
C LEU H 23 -26.63 6.75 -8.19
N LYS H 24 -25.91 5.64 -8.06
CA LYS H 24 -26.02 4.53 -9.02
C LYS H 24 -27.46 4.02 -9.13
N ASP H 25 -28.26 4.18 -8.09
CA ASP H 25 -29.57 3.54 -8.09
C ASP H 25 -30.67 4.43 -8.66
N GLY H 26 -30.35 5.64 -9.11
CA GLY H 26 -31.35 6.55 -9.60
C GLY H 26 -31.68 7.69 -8.66
N LYS H 27 -31.26 7.61 -7.39
CA LYS H 27 -31.54 8.67 -6.44
C LYS H 27 -30.80 9.95 -6.82
N LEU H 28 -31.47 11.08 -6.60
CA LEU H 28 -30.87 12.41 -6.66
C LEU H 28 -30.90 13.01 -5.27
N VAL H 29 -29.73 13.33 -4.74
CA VAL H 29 -29.60 13.91 -3.40
C VAL H 29 -29.04 15.31 -3.54
N LYS H 30 -29.83 16.32 -3.16
CA LYS H 30 -29.46 17.73 -3.24
C LYS H 30 -29.18 18.28 -1.84
N GLY H 31 -28.11 19.04 -1.70
CA GLY H 31 -27.78 19.57 -0.39
C GLY H 31 -26.52 20.41 -0.46
N ARG H 32 -26.19 21.02 0.67
CA ARG H 32 -25.03 21.89 0.74
C ARG H 32 -23.79 21.06 1.08
N LEU H 33 -22.76 21.20 0.25
CA LEU H 33 -21.54 20.41 0.35
C LEU H 33 -20.68 20.96 1.48
N LYS H 34 -20.60 20.23 2.60
CA LYS H 34 -19.76 20.62 3.72
C LYS H 34 -18.38 19.99 3.69
N ALA H 35 -18.24 18.80 3.07
CA ALA H 35 -16.97 18.10 3.08
C ALA H 35 -17.01 16.97 2.05
N TYR H 36 -15.81 16.52 1.66
CA TYR H 36 -15.63 15.42 0.72
C TYR H 36 -14.22 14.88 0.88
N ASP H 37 -14.01 13.65 0.39
CA ASP H 37 -12.70 13.05 0.44
C ASP H 37 -12.42 12.39 -0.90
N LEU H 38 -11.22 11.84 -1.02
CA LEU H 38 -10.79 11.18 -2.25
C LEU H 38 -11.60 9.94 -2.60
N HIS H 39 -12.36 9.37 -1.65
CA HIS H 39 -13.28 8.31 -2.05
C HIS H 39 -14.53 8.84 -2.72
N MET H 40 -14.70 10.16 -2.78
CA MET H 40 -15.95 10.82 -3.11
C MET H 40 -17.04 10.57 -2.09
N ASN H 41 -16.68 10.17 -0.85
CA ASN H 41 -17.61 10.34 0.26
C ASN H 41 -17.91 11.84 0.40
N VAL H 42 -19.19 12.18 0.63
CA VAL H 42 -19.56 13.59 0.82
C VAL H 42 -20.46 13.77 2.04
N ALA H 43 -20.31 14.91 2.68
CA ALA H 43 -21.23 15.34 3.74
C ALA H 43 -22.09 16.46 3.17
N LEU H 44 -23.41 16.24 3.15
CA LEU H 44 -24.38 17.19 2.66
C LEU H 44 -25.24 17.71 3.81
N GLU H 45 -25.35 19.02 3.92
CA GLU H 45 -26.16 19.67 4.95
C GLU H 45 -27.54 20.02 4.42
N ASN H 46 -28.57 19.75 5.22
CA ASN H 46 -29.96 20.01 4.85
C ASN H 46 -30.30 19.38 3.49
N ALA H 47 -29.92 18.12 3.34
CA ALA H 47 -30.11 17.44 2.07
C ALA H 47 -31.59 17.14 1.82
N LYS H 48 -31.92 16.94 0.55
CA LYS H 48 -33.23 16.50 0.10
C LYS H 48 -33.06 15.45 -0.99
N ILE H 49 -33.94 14.46 -0.99
CA ILE H 49 -33.92 13.39 -1.99
C ILE H 49 -35.11 13.57 -2.90
N GLU H 50 -34.84 13.73 -4.20
CA GLU H 50 -35.88 13.90 -5.21
C GLU H 50 -36.91 12.76 -5.18
N SER H 51 -36.55 11.59 -4.66
CA SER H 51 -37.47 10.46 -4.59
C SER H 51 -38.68 10.80 -3.73
N ASP H 52 -38.45 11.14 -2.46
CA ASP H 52 -39.51 11.51 -1.52
C ASP H 52 -39.09 12.82 -0.83
N GLU H 53 -39.47 13.95 -1.43
CA GLU H 53 -39.02 15.27 -1.02
C GLU H 53 -39.73 15.81 0.22
N GLU H 54 -40.31 14.94 1.05
CA GLU H 54 -40.96 15.37 2.28
C GLU H 54 -40.11 15.13 3.52
N LYS H 55 -39.06 14.32 3.42
CA LYS H 55 -38.14 14.11 4.52
C LYS H 55 -37.04 15.18 4.46
N GLU H 56 -36.68 15.71 5.63
CA GLU H 56 -35.52 16.58 5.77
C GLU H 56 -34.36 15.77 6.36
N PHE H 57 -33.16 16.03 5.86
CA PHE H 57 -31.95 15.40 6.38
C PHE H 57 -31.00 16.50 6.78
N PRO H 58 -30.97 16.90 8.05
CA PRO H 58 -30.03 17.94 8.49
C PRO H 58 -28.59 17.67 8.12
N MET H 59 -28.15 16.41 8.17
CA MET H 59 -26.79 16.08 7.74
C MET H 59 -26.77 14.65 7.23
N LEU H 60 -26.31 14.49 5.99
CA LEU H 60 -26.28 13.21 5.31
C LEU H 60 -24.84 12.93 4.90
N VAL H 61 -24.31 11.79 5.34
CA VAL H 61 -23.00 11.36 4.90
C VAL H 61 -23.22 10.26 3.86
N VAL H 62 -22.90 10.59 2.60
CA VAL H 62 -23.09 9.68 1.47
C VAL H 62 -21.79 8.97 1.20
N ARG H 63 -21.82 7.65 1.18
CA ARG H 63 -20.64 6.85 0.89
C ARG H 63 -20.31 6.90 -0.60
N GLY H 64 -19.04 7.18 -0.91
CA GLY H 64 -18.65 7.53 -2.28
C GLY H 64 -18.91 6.45 -3.32
N ASP H 65 -18.78 5.16 -2.95
CA ASP H 65 -18.89 4.16 -4.00
C ASP H 65 -20.32 4.02 -4.54
N ASN H 66 -21.29 4.72 -3.97
CA ASN H 66 -22.63 4.76 -4.54
C ASN H 66 -22.78 5.81 -5.63
N VAL H 67 -21.78 6.68 -5.80
CA VAL H 67 -21.96 7.88 -6.63
C VAL H 67 -21.88 7.54 -8.11
N LEU H 68 -22.85 8.03 -8.88
CA LEU H 68 -22.73 8.04 -10.34
C LEU H 68 -21.93 9.26 -10.77
N TYR H 69 -22.49 10.46 -10.57
CA TYR H 69 -21.76 11.71 -10.80
C TYR H 69 -22.33 12.80 -9.88
N VAL H 70 -21.56 13.87 -9.70
CA VAL H 70 -21.97 15.03 -8.92
C VAL H 70 -22.03 16.26 -9.83
N SER H 71 -23.16 16.97 -9.77
CA SER H 71 -23.38 18.17 -10.55
C SER H 71 -23.09 19.38 -9.66
N LEU H 72 -22.19 20.23 -10.13
CA LEU H 72 -21.69 21.35 -9.35
C LEU H 72 -22.16 22.64 -9.94
N ASP I 3 3.12 6.56 -24.60
CA ASP I 3 3.91 5.39 -24.25
C ASP I 3 3.00 4.17 -23.97
N THR I 4 3.52 2.97 -24.23
CA THR I 4 2.69 1.78 -24.33
C THR I 4 2.14 1.31 -22.99
N GLN I 5 2.59 1.88 -21.88
CA GLN I 5 2.17 1.45 -20.56
C GLN I 5 1.27 2.44 -19.85
N ARG I 6 0.92 3.55 -20.52
CA ARG I 6 0.13 4.62 -19.92
C ARG I 6 -1.09 4.93 -20.78
N PRO I 7 -2.06 4.01 -20.84
CA PRO I 7 -3.24 4.26 -21.68
C PRO I 7 -4.03 5.49 -21.26
N LEU I 8 -4.00 5.86 -19.97
CA LEU I 8 -4.72 7.04 -19.50
C LEU I 8 -4.04 8.35 -19.90
N ASP I 9 -2.81 8.31 -20.42
CA ASP I 9 -2.24 9.52 -21.02
C ASP I 9 -3.04 9.99 -22.23
N ALA I 10 -3.81 9.10 -22.86
CA ALA I 10 -4.69 9.55 -23.94
C ALA I 10 -5.68 10.59 -23.45
N LEU I 11 -6.12 10.47 -22.19
CA LEU I 11 -7.02 11.48 -21.63
C LEU I 11 -6.34 12.83 -21.53
N GLY I 12 -5.07 12.85 -21.12
CA GLY I 12 -4.38 14.13 -20.97
C GLY I 12 -4.28 14.88 -22.28
N LYS I 13 -4.06 14.15 -23.37
CA LYS I 13 -4.05 14.75 -24.71
C LYS I 13 -5.42 15.24 -25.14
N SER I 14 -6.48 14.93 -24.39
CA SER I 14 -7.83 15.31 -24.78
C SER I 14 -8.40 16.39 -23.88
N ILE I 15 -7.59 16.96 -22.98
CA ILE I 15 -8.05 18.03 -22.12
C ILE I 15 -8.54 19.20 -22.98
N ASN I 16 -9.66 19.80 -22.56
CA ASN I 16 -10.35 20.90 -23.26
C ASN I 16 -10.90 20.49 -24.63
N THR I 17 -11.11 19.21 -24.86
CA THR I 17 -11.84 18.70 -26.01
C THR I 17 -13.14 18.04 -25.55
N ASN I 18 -14.09 17.92 -26.46
CA ASN I 18 -15.29 17.15 -26.19
C ASN I 18 -15.00 15.66 -26.24
N VAL I 19 -15.41 14.95 -25.19
CA VAL I 19 -15.32 13.50 -25.15
C VAL I 19 -16.70 12.96 -24.85
N THR I 20 -16.87 11.66 -25.09
CA THR I 20 -18.08 10.95 -24.67
C THR I 20 -17.68 9.86 -23.70
N VAL I 21 -18.24 9.90 -22.50
CA VAL I 21 -18.00 8.89 -21.47
C VAL I 21 -19.17 7.93 -21.46
N TYR I 22 -18.92 6.68 -21.85
CA TYR I 22 -19.92 5.62 -21.78
C TYR I 22 -19.89 4.99 -20.40
N LEU I 23 -21.05 4.87 -19.76
CA LEU I 23 -21.16 4.33 -18.42
C LEU I 23 -21.71 2.90 -18.47
N LYS I 24 -21.41 2.14 -17.41
CA LYS I 24 -21.84 0.74 -17.33
C LYS I 24 -23.36 0.60 -17.50
N ASP I 25 -24.14 1.61 -17.14
CA ASP I 25 -25.59 1.48 -17.17
C ASP I 25 -26.19 1.84 -18.53
N GLY I 26 -25.37 2.08 -19.54
CA GLY I 26 -25.85 2.45 -20.84
C GLY I 26 -25.82 3.94 -21.13
N LYS I 27 -25.68 4.79 -20.11
CA LYS I 27 -25.67 6.24 -20.32
C LYS I 27 -24.46 6.65 -21.17
N LEU I 28 -24.66 7.69 -21.98
CA LEU I 28 -23.60 8.41 -22.68
C LEU I 28 -23.54 9.83 -22.14
N VAL I 29 -22.41 10.22 -21.57
CA VAL I 29 -22.21 11.53 -20.98
C VAL I 29 -21.22 12.29 -21.85
N LYS I 30 -21.66 13.42 -22.39
CA LYS I 30 -20.86 14.21 -23.32
C LYS I 30 -20.50 15.53 -22.67
N GLY I 31 -19.23 15.89 -22.74
CA GLY I 31 -18.83 17.19 -22.25
C GLY I 31 -17.37 17.45 -22.54
N ARG I 32 -16.94 18.65 -22.19
CA ARG I 32 -15.57 19.08 -22.41
C ARG I 32 -14.72 18.66 -21.21
N LEU I 33 -13.65 17.91 -21.49
CA LEU I 33 -12.87 17.27 -20.44
C LEU I 33 -11.92 18.27 -19.79
N LYS I 34 -12.08 18.50 -18.48
CA LYS I 34 -11.23 19.45 -17.76
C LYS I 34 -10.19 18.80 -16.88
N ALA I 35 -10.38 17.53 -16.49
CA ALA I 35 -9.45 16.88 -15.58
C ALA I 35 -9.80 15.41 -15.49
N TYR I 36 -8.83 14.60 -15.06
CA TYR I 36 -9.02 13.17 -14.86
C TYR I 36 -7.94 12.70 -13.90
N ASP I 37 -8.17 11.54 -13.27
CA ASP I 37 -7.18 10.95 -12.40
C ASP I 37 -6.99 9.47 -12.76
N LEU I 38 -6.07 8.81 -12.07
CA LEU I 38 -5.77 7.41 -12.33
C LEU I 38 -6.92 6.47 -12.02
N HIS I 39 -7.94 6.92 -11.27
CA HIS I 39 -9.15 6.12 -11.09
C HIS I 39 -10.10 6.26 -12.25
N MET I 40 -9.76 7.08 -13.25
CA MET I 40 -10.65 7.49 -14.34
C MET I 40 -11.87 8.27 -13.84
N ASN I 41 -11.82 8.85 -12.63
CA ASN I 41 -12.73 9.97 -12.35
C ASN I 41 -12.43 11.05 -13.37
N VAL I 42 -13.46 11.76 -13.85
CA VAL I 42 -13.26 12.88 -14.76
C VAL I 42 -14.18 14.06 -14.39
N ALA I 43 -13.75 15.26 -14.74
CA ALA I 43 -14.58 16.45 -14.61
C ALA I 43 -14.91 16.97 -16.00
N LEU I 44 -16.21 17.07 -16.31
CA LEU I 44 -16.69 17.46 -17.62
C LEU I 44 -17.45 18.79 -17.51
N GLU I 45 -17.03 19.75 -18.30
CA GLU I 45 -17.68 21.06 -18.35
C GLU I 45 -18.81 21.07 -19.39
N ASN I 46 -19.91 21.71 -19.04
CA ASN I 46 -21.05 21.84 -19.95
C ASN I 46 -21.44 20.46 -20.50
N ALA I 47 -21.68 19.54 -19.57
CA ALA I 47 -21.97 18.15 -19.87
C ALA I 47 -23.43 17.99 -20.30
N LYS I 48 -23.68 16.93 -21.04
CA LYS I 48 -25.02 16.54 -21.49
C LYS I 48 -25.17 15.03 -21.41
N ILE I 49 -26.27 14.57 -20.83
CA ILE I 49 -26.63 13.17 -20.88
C ILE I 49 -27.46 12.95 -22.13
N GLU I 50 -26.98 12.08 -23.03
CA GLU I 50 -27.70 11.81 -24.26
C GLU I 50 -29.11 11.31 -23.98
N SER I 51 -29.32 10.68 -22.82
CA SER I 51 -30.66 10.25 -22.42
C SER I 51 -31.65 11.41 -22.48
N ASP I 52 -31.41 12.46 -21.69
CA ASP I 52 -32.26 13.67 -21.68
C ASP I 52 -31.40 14.89 -21.99
N GLU I 53 -31.03 15.04 -23.27
CA GLU I 53 -30.23 16.20 -23.71
C GLU I 53 -30.95 17.52 -23.50
N GLU I 54 -32.20 17.49 -23.00
CA GLU I 54 -32.85 18.71 -22.56
C GLU I 54 -31.97 19.46 -21.56
N LYS I 55 -31.35 18.72 -20.64
CA LYS I 55 -30.62 19.31 -19.52
C LYS I 55 -29.18 19.63 -19.90
N GLU I 56 -28.67 20.72 -19.34
CA GLU I 56 -27.25 20.98 -19.30
C GLU I 56 -26.74 20.72 -17.88
N PHE I 57 -25.42 20.57 -17.77
CA PHE I 57 -24.73 20.49 -16.50
C PHE I 57 -23.47 21.33 -16.65
N PRO I 58 -23.40 22.52 -16.02
CA PRO I 58 -22.19 23.33 -16.12
C PRO I 58 -20.91 22.58 -15.76
N MET I 59 -20.93 21.79 -14.67
CA MET I 59 -19.78 20.97 -14.29
C MET I 59 -20.25 19.65 -13.70
N LEU I 60 -19.74 18.55 -14.24
CA LEU I 60 -20.15 17.21 -13.82
C LEU I 60 -18.90 16.42 -13.47
N VAL I 61 -18.81 15.94 -12.23
CA VAL I 61 -17.71 15.09 -11.80
C VAL I 61 -18.22 13.65 -11.77
N VAL I 62 -17.66 12.82 -12.65
CA VAL I 62 -18.14 11.46 -12.88
C VAL I 62 -17.20 10.51 -12.17
N ARG I 63 -17.75 9.62 -11.36
CA ARG I 63 -16.91 8.68 -10.63
C ARG I 63 -16.44 7.58 -11.58
N GLY I 64 -15.13 7.29 -11.55
CA GLY I 64 -14.53 6.45 -12.58
C GLY I 64 -15.01 4.99 -12.57
N ASP I 65 -15.38 4.45 -11.41
CA ASP I 65 -15.73 3.04 -11.47
C ASP I 65 -17.04 2.79 -12.19
N ASN I 66 -17.78 3.84 -12.55
CA ASN I 66 -18.94 3.71 -13.43
C ASN I 66 -18.58 3.65 -14.92
N VAL I 67 -17.33 3.89 -15.31
CA VAL I 67 -17.02 4.08 -16.72
C VAL I 67 -16.86 2.74 -17.44
N LEU I 68 -17.52 2.60 -18.58
CA LEU I 68 -17.26 1.52 -19.53
C LEU I 68 -16.04 1.83 -20.39
N TYR I 69 -16.13 2.87 -21.21
CA TYR I 69 -14.97 3.36 -21.94
C TYR I 69 -15.19 4.82 -22.30
N VAL I 70 -14.10 5.50 -22.61
CA VAL I 70 -14.13 6.92 -22.98
C VAL I 70 -13.73 7.03 -24.45
N SER I 71 -14.55 7.71 -25.24
CA SER I 71 -14.27 7.96 -26.65
C SER I 71 -13.70 9.36 -26.81
N LEU I 72 -12.54 9.46 -27.46
CA LEU I 72 -11.82 10.73 -27.57
C LEU I 72 -11.70 11.21 -29.01
N ASP J 3 7.36 -14.76 -20.16
CA ASP J 3 7.66 -15.21 -18.80
C ASP J 3 6.39 -15.66 -18.08
N THR J 4 6.47 -16.85 -17.46
CA THR J 4 5.30 -17.55 -16.91
C THR J 4 4.58 -16.80 -15.79
N GLN J 5 5.17 -15.74 -15.23
CA GLN J 5 4.55 -15.02 -14.15
C GLN J 5 4.02 -13.66 -14.57
N ARG J 6 4.08 -13.32 -15.85
CA ARG J 6 3.66 -12.02 -16.37
C ARG J 6 2.71 -12.18 -17.55
N PRO J 7 1.49 -12.71 -17.32
CA PRO J 7 0.57 -12.90 -18.45
C PRO J 7 0.29 -11.64 -19.25
N LEU J 8 0.35 -10.47 -18.61
CA LEU J 8 0.07 -9.23 -19.33
C LEU J 8 1.21 -8.79 -20.24
N ASP J 9 2.37 -9.43 -20.15
CA ASP J 9 3.39 -9.22 -21.17
C ASP J 9 2.89 -9.65 -22.55
N ALA J 10 1.92 -10.57 -22.61
CA ALA J 10 1.36 -10.91 -23.92
C ALA J 10 0.74 -9.70 -24.60
N LEU J 11 0.10 -8.81 -23.83
CA LEU J 11 -0.39 -7.55 -24.42
C LEU J 11 0.77 -6.71 -24.94
N GLY J 12 1.84 -6.59 -24.15
CA GLY J 12 3.00 -5.85 -24.61
C GLY J 12 3.53 -6.32 -25.96
N LYS J 13 3.41 -7.63 -26.24
CA LYS J 13 3.81 -8.16 -27.54
C LYS J 13 2.81 -7.89 -28.65
N SER J 14 1.61 -7.39 -28.31
CA SER J 14 0.60 -7.07 -29.32
C SER J 14 0.41 -5.57 -29.49
N ILE J 15 1.35 -4.78 -28.98
CA ILE J 15 1.28 -3.35 -29.21
C ILE J 15 1.23 -3.09 -30.71
N ASN J 16 0.35 -2.16 -31.11
CA ASN J 16 0.17 -1.78 -32.51
C ASN J 16 -0.26 -2.97 -33.39
N THR J 17 -0.93 -3.95 -32.79
CA THR J 17 -1.68 -4.92 -33.56
C THR J 17 -3.15 -4.78 -33.19
N ASN J 18 -4.01 -5.38 -34.01
CA ASN J 18 -5.44 -5.33 -33.77
C ASN J 18 -5.83 -6.47 -32.82
N VAL J 19 -6.50 -6.11 -31.73
CA VAL J 19 -6.92 -7.07 -30.72
C VAL J 19 -8.41 -6.94 -30.53
N THR J 20 -9.02 -7.97 -29.94
CA THR J 20 -10.43 -7.95 -29.58
C THR J 20 -10.57 -8.06 -28.05
N VAL J 21 -11.17 -7.04 -27.45
CA VAL J 21 -11.42 -7.01 -26.01
C VAL J 21 -12.86 -7.40 -25.78
N TYR J 22 -13.06 -8.53 -25.11
CA TYR J 22 -14.40 -8.98 -24.74
C TYR J 22 -14.75 -8.37 -23.38
N LEU J 23 -15.91 -7.73 -23.29
CA LEU J 23 -16.31 -7.07 -22.06
C LEU J 23 -17.31 -7.94 -21.29
N LYS J 24 -17.37 -7.72 -19.97
CA LYS J 24 -18.22 -8.54 -19.11
C LYS J 24 -19.67 -8.53 -19.59
N ASP J 25 -20.16 -7.38 -20.06
CA ASP J 25 -21.55 -7.21 -20.46
C ASP J 25 -21.88 -7.83 -21.81
N GLY J 26 -20.93 -8.50 -22.45
CA GLY J 26 -21.15 -9.14 -23.73
C GLY J 26 -20.65 -8.37 -24.94
N LYS J 27 -20.25 -7.11 -24.77
CA LYS J 27 -19.73 -6.36 -25.91
C LYS J 27 -18.37 -6.90 -26.33
N LEU J 28 -18.08 -6.73 -27.62
CA LEU J 28 -16.75 -6.95 -28.20
C LEU J 28 -16.24 -5.63 -28.76
N VAL J 29 -15.08 -5.18 -28.26
CA VAL J 29 -14.41 -3.98 -28.78
C VAL J 29 -13.14 -4.40 -29.52
N LYS J 30 -13.05 -4.07 -30.80
CA LYS J 30 -11.89 -4.35 -31.64
C LYS J 30 -11.15 -3.06 -31.98
N GLY J 31 -9.83 -3.13 -32.01
CA GLY J 31 -9.05 -1.95 -32.37
C GLY J 31 -7.57 -2.22 -32.22
N ARG J 32 -6.79 -1.23 -32.64
CA ARG J 32 -5.33 -1.30 -32.59
CA ARG J 32 -5.33 -1.30 -32.59
C ARG J 32 -4.86 -0.93 -31.18
N LEU J 33 -4.15 -1.86 -30.52
CA LEU J 33 -3.75 -1.67 -29.13
C LEU J 33 -2.57 -0.71 -29.07
N LYS J 34 -2.80 0.48 -28.51
CA LYS J 34 -1.74 1.47 -28.36
C LYS J 34 -1.08 1.42 -26.99
N ALA J 35 -1.83 1.05 -25.94
CA ALA J 35 -1.27 1.05 -24.60
C ALA J 35 -2.15 0.20 -23.68
N TYR J 36 -1.54 -0.32 -22.63
CA TYR J 36 -2.24 -1.02 -21.56
C TYR J 36 -1.48 -0.78 -20.27
N ASP J 37 -2.17 -0.99 -19.14
CA ASP J 37 -1.52 -0.94 -17.83
C ASP J 37 -1.86 -2.19 -17.03
N LEU J 38 -1.29 -2.26 -15.82
CA LEU J 38 -1.49 -3.40 -14.94
C LEU J 38 -2.94 -3.58 -14.51
N HIS J 39 -3.78 -2.56 -14.64
CA HIS J 39 -5.21 -2.77 -14.40
C HIS J 39 -5.93 -3.38 -15.59
N MET J 40 -5.24 -3.55 -16.73
CA MET J 40 -5.84 -3.92 -18.02
C MET J 40 -6.75 -2.82 -18.58
N ASN J 41 -6.59 -1.59 -18.14
CA ASN J 41 -7.01 -0.47 -18.96
C ASN J 41 -6.31 -0.59 -20.30
N VAL J 42 -7.04 -0.40 -21.41
CA VAL J 42 -6.38 -0.32 -22.70
C VAL J 42 -6.78 0.93 -23.48
N ALA J 43 -5.89 1.36 -24.37
CA ALA J 43 -6.16 2.41 -25.34
C ALA J 43 -6.21 1.77 -26.73
N LEU J 44 -7.36 1.91 -27.39
CA LEU J 44 -7.62 1.26 -28.67
C LEU J 44 -7.83 2.33 -29.74
N GLU J 45 -7.05 2.23 -30.82
CA GLU J 45 -7.09 3.18 -31.93
C GLU J 45 -7.95 2.62 -33.06
N ASN J 46 -8.74 3.49 -33.68
CA ASN J 46 -9.64 3.12 -34.77
C ASN J 46 -10.49 1.91 -34.35
N ALA J 47 -11.16 2.04 -33.22
CA ALA J 47 -11.91 0.94 -32.61
C ALA J 47 -13.33 0.85 -33.17
N LYS J 48 -13.87 -0.37 -33.14
CA LYS J 48 -15.26 -0.62 -33.51
C LYS J 48 -15.88 -1.58 -32.51
N ILE J 49 -17.19 -1.45 -32.31
CA ILE J 49 -17.98 -2.38 -31.49
C ILE J 49 -18.77 -3.30 -32.42
N GLU J 50 -18.96 -4.55 -31.98
CA GLU J 50 -19.71 -5.51 -32.78
C GLU J 50 -21.12 -5.02 -33.09
N SER J 51 -21.77 -4.38 -32.12
CA SER J 51 -23.07 -3.75 -32.31
C SER J 51 -23.12 -2.48 -31.46
N ASP J 52 -23.36 -1.33 -32.11
CA ASP J 52 -23.71 -1.30 -33.53
C ASP J 52 -22.55 -1.03 -34.49
N GLU J 53 -22.69 -1.62 -35.67
CA GLU J 53 -21.68 -1.62 -36.71
C GLU J 53 -21.48 -0.21 -37.28
N GLU J 54 -20.36 -0.05 -37.99
CA GLU J 54 -20.07 1.09 -38.86
C GLU J 54 -19.62 2.33 -38.07
N LYS J 55 -20.08 2.47 -36.83
CA LYS J 55 -19.57 3.53 -35.98
C LYS J 55 -18.07 3.36 -35.80
N GLU J 56 -17.35 4.48 -35.81
CA GLU J 56 -15.89 4.45 -35.73
C GLU J 56 -15.43 5.33 -34.59
N PHE J 57 -14.53 4.80 -33.76
CA PHE J 57 -13.95 5.57 -32.67
C PHE J 57 -12.47 5.77 -32.94
N PRO J 58 -12.06 6.97 -33.33
CA PRO J 58 -10.61 7.24 -33.45
C PRO J 58 -9.79 6.72 -32.29
N MET J 59 -10.30 6.80 -31.05
CA MET J 59 -9.52 6.43 -29.88
C MET J 59 -10.47 6.11 -28.74
N LEU J 60 -10.32 4.91 -28.18
CA LEU J 60 -11.17 4.41 -27.12
C LEU J 60 -10.30 4.00 -25.94
N VAL J 61 -10.61 4.52 -24.76
CA VAL J 61 -9.90 4.15 -23.54
C VAL J 61 -10.87 3.29 -22.73
N VAL J 62 -10.57 1.99 -22.64
CA VAL J 62 -11.48 1.01 -22.05
C VAL J 62 -11.05 0.77 -20.61
N ARG J 63 -11.98 0.91 -19.68
CA ARG J 63 -11.65 0.69 -18.28
C ARG J 63 -11.50 -0.80 -18.03
N GLY J 64 -10.36 -1.20 -17.44
CA GLY J 64 -10.01 -2.62 -17.36
C GLY J 64 -10.94 -3.49 -16.52
N ASP J 65 -11.68 -2.91 -15.57
CA ASP J 65 -12.57 -3.72 -14.73
C ASP J 65 -13.75 -4.28 -15.53
N ASN J 66 -14.02 -3.76 -16.72
CA ASN J 66 -15.06 -4.33 -17.56
C ASN J 66 -14.56 -5.48 -18.42
N VAL J 67 -13.28 -5.78 -18.41
CA VAL J 67 -12.72 -6.74 -19.36
C VAL J 67 -13.00 -8.17 -18.89
N LEU J 68 -13.47 -9.01 -19.80
CA LEU J 68 -13.60 -10.45 -19.58
C LEU J 68 -12.32 -11.17 -20.02
N TYR J 69 -11.93 -11.01 -21.29
CA TYR J 69 -10.63 -11.47 -21.78
C TYR J 69 -10.30 -10.77 -23.10
N VAL J 70 -9.01 -10.71 -23.42
CA VAL J 70 -8.52 -10.08 -24.63
C VAL J 70 -7.97 -11.14 -25.58
N SER J 71 -8.44 -11.11 -26.83
CA SER J 71 -7.97 -12.00 -27.88
C SER J 71 -6.90 -11.29 -28.70
N LEU J 72 -5.67 -11.82 -28.68
CA LEU J 72 -4.59 -11.22 -29.47
C LEU J 72 -4.30 -11.98 -30.78
N ASP K 3 3.63 -25.74 -0.95
CA ASP K 3 3.55 -24.79 0.16
C ASP K 3 2.10 -24.58 0.57
N THR K 4 1.80 -24.88 1.83
CA THR K 4 0.44 -24.81 2.32
C THR K 4 -0.15 -23.40 2.25
N GLN K 5 0.66 -22.38 1.98
CA GLN K 5 0.18 -21.00 2.00
C GLN K 5 0.20 -20.34 0.63
N ARG K 6 0.45 -21.10 -0.43
CA ARG K 6 0.61 -20.58 -1.79
C ARG K 6 -0.22 -21.42 -2.77
N PRO K 7 -1.54 -21.29 -2.70
CA PRO K 7 -2.39 -22.11 -3.60
C PRO K 7 -2.14 -21.83 -5.07
N LEU K 8 -1.70 -20.63 -5.43
CA LEU K 8 -1.44 -20.32 -6.84
C LEU K 8 -0.19 -20.99 -7.36
N ASP K 9 0.68 -21.50 -6.48
CA ASP K 9 1.80 -22.31 -6.95
C ASP K 9 1.35 -23.52 -7.76
N ALA K 10 0.15 -24.04 -7.48
CA ALA K 10 -0.34 -25.16 -8.27
C ALA K 10 -0.50 -24.78 -9.75
N LEU K 11 -0.73 -23.51 -10.04
CA LEU K 11 -0.73 -23.04 -11.44
C LEU K 11 0.65 -23.21 -12.07
N GLY K 12 1.70 -22.87 -11.33
CA GLY K 12 3.05 -23.01 -11.87
C GLY K 12 3.39 -24.44 -12.25
N LYS K 13 2.93 -25.40 -11.44
CA LYS K 13 3.16 -26.79 -11.79
C LYS K 13 2.41 -27.22 -13.04
N SER K 14 1.47 -26.41 -13.54
CA SER K 14 0.68 -26.74 -14.72
C SER K 14 1.02 -25.85 -15.91
N ILE K 15 2.14 -25.14 -15.86
CA ILE K 15 2.56 -24.35 -17.03
C ILE K 15 2.74 -25.28 -18.23
N ASN K 16 2.22 -24.86 -19.38
CA ASN K 16 2.29 -25.57 -20.66
C ASN K 16 1.49 -26.87 -20.68
N THR K 17 0.54 -27.04 -19.76
CA THR K 17 -0.43 -28.11 -19.86
C THR K 17 -1.79 -27.51 -20.16
N ASN K 18 -2.75 -28.39 -20.47
CA ASN K 18 -4.12 -27.96 -20.70
C ASN K 18 -4.82 -27.72 -19.37
N VAL K 19 -5.48 -26.57 -19.24
CA VAL K 19 -6.27 -26.28 -18.05
C VAL K 19 -7.67 -25.85 -18.47
N THR K 20 -8.60 -25.88 -17.52
CA THR K 20 -9.95 -25.40 -17.75
C THR K 20 -10.23 -24.28 -16.75
N VAL K 21 -10.45 -23.07 -17.26
CA VAL K 21 -10.77 -21.91 -16.43
C VAL K 21 -12.27 -21.75 -16.44
N TYR K 22 -12.89 -21.95 -15.29
CA TYR K 22 -14.31 -21.73 -15.13
C TYR K 22 -14.55 -20.27 -14.76
N LEU K 23 -15.41 -19.60 -15.52
CA LEU K 23 -15.70 -18.18 -15.34
C LEU K 23 -16.99 -17.98 -14.57
N LYS K 24 -17.06 -16.85 -13.84
CA LYS K 24 -18.24 -16.56 -13.03
C LYS K 24 -19.54 -16.56 -13.84
N ASP K 25 -19.47 -16.38 -15.16
CA ASP K 25 -20.68 -16.29 -15.95
C ASP K 25 -21.15 -17.64 -16.50
N GLY K 26 -20.45 -18.71 -16.17
CA GLY K 26 -20.78 -20.02 -16.68
C GLY K 26 -19.86 -20.53 -17.75
N LYS K 27 -19.05 -19.67 -18.36
CA LYS K 27 -18.18 -20.08 -19.44
C LYS K 27 -17.07 -20.99 -18.91
N LEU K 28 -16.69 -21.96 -19.74
CA LEU K 28 -15.50 -22.75 -19.55
C LEU K 28 -14.51 -22.38 -20.64
N VAL K 29 -13.28 -22.08 -20.26
CA VAL K 29 -12.22 -21.72 -21.19
C VAL K 29 -11.08 -22.74 -21.04
N LYS K 30 -10.83 -23.50 -22.09
CA LYS K 30 -9.77 -24.50 -22.14
C LYS K 30 -8.63 -24.00 -23.00
N GLY K 31 -7.40 -24.33 -22.61
CA GLY K 31 -6.26 -23.93 -23.40
C GLY K 31 -4.98 -24.22 -22.66
N ARG K 32 -3.88 -23.98 -23.35
CA ARG K 32 -2.55 -24.25 -22.81
C ARG K 32 -2.13 -23.09 -21.93
N LEU K 33 -1.97 -23.34 -20.64
CA LEU K 33 -1.59 -22.29 -19.72
C LEU K 33 -0.17 -21.86 -20.00
N LYS K 34 0.00 -20.58 -20.33
CA LYS K 34 1.33 -20.00 -20.58
C LYS K 34 1.81 -19.09 -19.48
N ALA K 35 0.92 -18.48 -18.70
CA ALA K 35 1.37 -17.56 -17.67
C ALA K 35 0.22 -17.21 -16.73
N TYR K 36 0.57 -16.89 -15.48
CA TYR K 36 -0.42 -16.48 -14.49
C TYR K 36 0.25 -15.50 -13.52
N ASP K 37 -0.58 -14.67 -12.87
CA ASP K 37 -0.07 -13.78 -11.83
C ASP K 37 -0.93 -13.91 -10.58
N LEU K 38 -0.61 -13.08 -9.57
CA LEU K 38 -1.25 -13.21 -8.27
C LEU K 38 -2.69 -12.71 -8.27
N HIS K 39 -3.14 -12.05 -9.33
CA HIS K 39 -4.53 -11.70 -9.52
C HIS K 39 -5.32 -12.84 -10.12
N MET K 40 -4.65 -13.94 -10.43
CA MET K 40 -5.18 -15.02 -11.26
C MET K 40 -5.53 -14.55 -12.67
N ASN K 41 -4.93 -13.45 -13.16
CA ASN K 41 -4.86 -13.25 -14.60
C ASN K 41 -4.13 -14.43 -15.21
N VAL K 42 -4.62 -14.93 -16.35
CA VAL K 42 -3.99 -16.05 -17.03
C VAL K 42 -3.94 -15.79 -18.53
N ALA K 43 -2.88 -16.28 -19.14
CA ALA K 43 -2.68 -16.23 -20.58
C ALA K 43 -2.75 -17.65 -21.12
N LEU K 44 -3.70 -17.90 -22.02
CA LEU K 44 -3.98 -19.23 -22.54
C LEU K 44 -3.65 -19.27 -24.02
N GLU K 45 -2.85 -20.27 -24.43
CA GLU K 45 -2.50 -20.48 -25.82
C GLU K 45 -3.46 -21.47 -26.44
N ASN K 46 -3.89 -21.20 -27.68
CA ASN K 46 -4.85 -22.04 -28.38
C ASN K 46 -6.11 -22.32 -27.54
N ALA K 47 -6.75 -21.23 -27.13
CA ALA K 47 -7.85 -21.36 -26.17
C ALA K 47 -9.16 -21.69 -26.89
N LYS K 48 -10.12 -22.18 -26.12
CA LYS K 48 -11.41 -22.59 -26.65
C LYS K 48 -12.50 -22.36 -25.62
N ILE K 49 -13.60 -21.74 -26.04
CA ILE K 49 -14.78 -21.62 -25.18
C ILE K 49 -15.66 -22.82 -25.41
N GLU K 50 -16.10 -23.46 -24.31
CA GLU K 50 -16.69 -24.80 -24.40
C GLU K 50 -17.91 -24.84 -25.30
N SER K 51 -18.72 -23.78 -25.29
CA SER K 51 -19.87 -23.72 -26.20
C SER K 51 -19.41 -23.36 -27.62
N ASP K 52 -18.61 -22.30 -27.74
CA ASP K 52 -18.15 -21.81 -29.05
C ASP K 52 -17.04 -22.72 -29.59
N GLU K 53 -17.44 -23.96 -29.92
CA GLU K 53 -16.50 -24.94 -30.46
C GLU K 53 -16.01 -24.55 -31.86
N GLU K 54 -16.74 -23.68 -32.55
CA GLU K 54 -16.32 -23.26 -33.89
C GLU K 54 -15.04 -22.44 -33.85
N LYS K 55 -14.89 -21.58 -32.86
CA LYS K 55 -13.80 -20.63 -32.81
C LYS K 55 -12.61 -21.19 -32.04
N GLU K 56 -11.47 -20.52 -32.20
CA GLU K 56 -10.29 -20.89 -31.44
C GLU K 56 -9.39 -19.67 -31.35
N PHE K 57 -9.03 -19.31 -30.13
CA PHE K 57 -8.22 -18.13 -29.89
C PHE K 57 -6.75 -18.51 -29.85
N PRO K 58 -5.92 -18.02 -30.77
CA PRO K 58 -4.48 -18.25 -30.63
C PRO K 58 -3.92 -17.86 -29.27
N MET K 59 -4.32 -16.70 -28.74
CA MET K 59 -3.75 -16.21 -27.48
C MET K 59 -4.84 -15.42 -26.76
N LEU K 60 -5.23 -15.90 -25.59
CA LEU K 60 -6.31 -15.33 -24.80
C LEU K 60 -5.79 -14.96 -23.42
N VAL K 61 -5.91 -13.68 -23.06
CA VAL K 61 -5.53 -13.23 -21.72
C VAL K 61 -6.81 -12.96 -20.95
N VAL K 62 -7.02 -13.74 -19.90
CA VAL K 62 -8.25 -13.72 -19.11
C VAL K 62 -7.98 -12.93 -17.84
N ARG K 63 -8.84 -11.96 -17.56
CA ARG K 63 -8.68 -11.14 -16.35
C ARG K 63 -9.13 -11.93 -15.13
N GLY K 64 -8.28 -11.95 -14.09
CA GLY K 64 -8.47 -12.87 -12.99
C GLY K 64 -9.78 -12.73 -12.24
N ASP K 65 -10.31 -11.51 -12.12
CA ASP K 65 -11.51 -11.36 -11.30
C ASP K 65 -12.76 -11.95 -11.95
N ASN K 66 -12.68 -12.39 -13.20
CA ASN K 66 -13.77 -13.18 -13.78
C ASN K 66 -13.72 -14.66 -13.41
N VAL K 67 -12.70 -15.11 -12.67
CA VAL K 67 -12.41 -16.54 -12.54
C VAL K 67 -13.20 -17.11 -11.36
N LEU K 68 -13.93 -18.20 -11.61
CA LEU K 68 -14.55 -18.97 -10.54
C LEU K 68 -13.54 -19.94 -9.92
N TYR K 69 -13.00 -20.85 -10.73
CA TYR K 69 -11.92 -21.71 -10.30
C TYR K 69 -11.25 -22.30 -11.53
N VAL K 70 -10.03 -22.80 -11.34
CA VAL K 70 -9.24 -23.39 -12.42
C VAL K 70 -9.04 -24.87 -12.13
N SER K 71 -9.43 -25.71 -13.10
CA SER K 71 -9.22 -27.15 -13.01
C SER K 71 -7.90 -27.49 -13.69
N LEU K 72 -7.04 -28.19 -12.96
CA LEU K 72 -5.70 -28.47 -13.46
C LEU K 72 -5.55 -29.95 -13.76
N ASP L 3 -5.83 -18.06 17.93
CA ASP L 3 -5.82 -16.64 18.23
C ASP L 3 -7.11 -15.96 17.73
N THR L 4 -7.64 -15.05 18.55
CA THR L 4 -8.95 -14.48 18.31
C THR L 4 -8.97 -13.47 17.17
N GLN L 5 -7.82 -13.10 16.62
CA GLN L 5 -7.79 -12.17 15.49
C GLN L 5 -7.39 -12.83 14.18
N ARG L 6 -7.33 -14.16 14.13
CA ARG L 6 -6.86 -14.87 12.94
C ARG L 6 -7.82 -16.00 12.58
N PRO L 7 -9.02 -15.67 12.09
CA PRO L 7 -9.96 -16.73 11.71
C PRO L 7 -9.42 -17.68 10.66
N LEU L 8 -8.60 -17.19 9.72
CA LEU L 8 -8.09 -18.04 8.64
C LEU L 8 -7.09 -19.07 9.12
N ASP L 9 -6.55 -18.92 10.33
CA ASP L 9 -5.73 -19.98 10.93
C ASP L 9 -6.52 -21.28 11.07
N ALA L 10 -7.84 -21.22 11.12
CA ALA L 10 -8.62 -22.46 11.17
C ALA L 10 -8.50 -23.23 9.86
N LEU L 11 -8.24 -22.53 8.75
CA LEU L 11 -7.95 -23.24 7.50
C LEU L 11 -6.62 -23.98 7.60
N GLY L 12 -5.65 -23.40 8.30
CA GLY L 12 -4.35 -24.05 8.46
C GLY L 12 -4.41 -25.26 9.36
N LYS L 13 -5.37 -25.30 10.27
CA LYS L 13 -5.55 -26.50 11.10
C LYS L 13 -6.28 -27.60 10.36
N SER L 14 -6.91 -27.30 9.24
CA SER L 14 -7.61 -28.28 8.43
C SER L 14 -6.86 -28.65 7.16
N ILE L 15 -5.59 -28.25 7.03
CA ILE L 15 -4.84 -28.60 5.84
C ILE L 15 -4.71 -30.11 5.77
N ASN L 16 -4.90 -30.65 4.56
CA ASN L 16 -4.90 -32.08 4.24
C ASN L 16 -6.11 -32.82 4.80
N THR L 17 -7.15 -32.12 5.22
CA THR L 17 -8.43 -32.73 5.51
C THR L 17 -9.42 -32.32 4.43
N ASN L 18 -10.56 -33.01 4.41
CA ASN L 18 -11.63 -32.65 3.48
C ASN L 18 -12.38 -31.45 4.02
N VAL L 19 -12.73 -30.52 3.12
CA VAL L 19 -13.46 -29.32 3.50
C VAL L 19 -14.54 -29.08 2.48
N THR L 20 -15.56 -28.32 2.87
CA THR L 20 -16.61 -27.90 1.95
C THR L 20 -16.54 -26.39 1.82
N VAL L 21 -16.24 -25.94 0.61
CA VAL L 21 -16.16 -24.52 0.28
C VAL L 21 -17.48 -24.11 -0.36
N TYR L 22 -18.26 -23.27 0.33
CA TYR L 22 -19.51 -22.78 -0.21
C TYR L 22 -19.27 -21.51 -1.04
N LEU L 23 -19.76 -21.49 -2.26
CA LEU L 23 -19.58 -20.35 -3.15
C LEU L 23 -20.85 -19.50 -3.22
N LYS L 24 -20.69 -18.27 -3.74
CA LYS L 24 -21.80 -17.31 -3.78
C LYS L 24 -22.93 -17.78 -4.69
N ASP L 25 -22.61 -18.54 -5.73
CA ASP L 25 -23.62 -18.88 -6.73
C ASP L 25 -24.48 -20.08 -6.35
N GLY L 26 -24.28 -20.65 -5.16
CA GLY L 26 -24.98 -21.85 -4.76
C GLY L 26 -24.18 -23.12 -4.89
N LYS L 27 -23.12 -23.11 -5.69
CA LYS L 27 -22.24 -24.27 -5.79
C LYS L 27 -21.52 -24.50 -4.47
N LEU L 28 -21.21 -25.76 -4.20
CA LEU L 28 -20.29 -26.09 -3.11
C LEU L 28 -19.29 -27.10 -3.64
N VAL L 29 -18.02 -26.89 -3.28
CA VAL L 29 -16.92 -27.72 -3.73
C VAL L 29 -16.33 -28.40 -2.52
N LYS L 30 -16.31 -29.72 -2.54
CA LYS L 30 -15.73 -30.53 -1.47
C LYS L 30 -14.42 -31.13 -1.95
N GLY L 31 -13.41 -31.11 -1.09
CA GLY L 31 -12.16 -31.72 -1.49
C GLY L 31 -11.16 -31.57 -0.36
N ARG L 32 -9.98 -32.15 -0.59
CA ARG L 32 -8.90 -32.14 0.38
C ARG L 32 -8.14 -30.83 0.23
N LEU L 33 -8.04 -30.06 1.33
CA LEU L 33 -7.41 -28.73 1.29
C LEU L 33 -5.90 -28.87 1.26
N LYS L 34 -5.28 -28.47 0.15
CA LYS L 34 -3.82 -28.51 0.07
C LYS L 34 -3.17 -27.17 0.38
N ALA L 35 -3.83 -26.05 0.10
CA ALA L 35 -3.25 -24.74 0.33
C ALA L 35 -4.34 -23.68 0.39
N TYR L 36 -4.00 -22.54 1.00
CA TYR L 36 -4.89 -21.40 1.08
C TYR L 36 -4.03 -20.15 1.31
N ASP L 37 -4.55 -18.99 0.92
CA ASP L 37 -3.83 -17.74 1.18
C ASP L 37 -4.76 -16.75 1.88
N LEU L 38 -4.24 -15.57 2.20
CA LEU L 38 -5.02 -14.57 2.93
C LEU L 38 -6.16 -14.00 2.10
N HIS L 39 -6.19 -14.23 0.79
CA HIS L 39 -7.37 -13.91 0.00
C HIS L 39 -8.46 -14.97 0.10
N MET L 40 -8.15 -16.09 0.77
CA MET L 40 -9.00 -17.29 0.78
C MET L 40 -9.06 -17.96 -0.58
N ASN L 41 -8.11 -17.71 -1.48
CA ASN L 41 -7.87 -18.68 -2.54
C ASN L 41 -7.55 -20.03 -1.88
N VAL L 42 -8.10 -21.11 -2.43
CA VAL L 42 -7.84 -22.45 -1.92
C VAL L 42 -7.55 -23.38 -3.08
N ALA L 43 -6.67 -24.34 -2.82
CA ALA L 43 -6.38 -25.41 -3.78
C ALA L 43 -6.95 -26.70 -3.20
N LEU L 44 -7.85 -27.34 -3.94
CA LEU L 44 -8.61 -28.50 -3.46
C LEU L 44 -8.24 -29.74 -4.27
N GLU L 45 -7.82 -30.80 -3.58
CA GLU L 45 -7.39 -32.04 -4.22
C GLU L 45 -8.56 -33.01 -4.33
N ASN L 46 -8.69 -33.63 -5.50
CA ASN L 46 -9.78 -34.58 -5.77
C ASN L 46 -11.12 -33.98 -5.39
N ALA L 47 -11.41 -32.82 -5.99
CA ALA L 47 -12.55 -32.02 -5.59
C ALA L 47 -13.81 -32.44 -6.34
N LYS L 48 -14.94 -32.30 -5.67
CA LYS L 48 -16.23 -32.58 -6.28
C LYS L 48 -17.14 -31.37 -6.16
N ILE L 49 -17.93 -31.14 -7.19
CA ILE L 49 -18.98 -30.13 -7.19
C ILE L 49 -20.31 -30.87 -7.22
N GLU L 50 -21.20 -30.52 -6.30
CA GLU L 50 -22.42 -31.34 -6.21
C GLU L 50 -23.37 -31.11 -7.38
N SER L 51 -23.01 -30.26 -8.34
CA SER L 51 -23.66 -30.31 -9.64
C SER L 51 -23.33 -31.61 -10.37
N ASP L 52 -22.07 -32.02 -10.33
CA ASP L 52 -21.62 -33.21 -11.04
C ASP L 52 -21.73 -34.45 -10.15
N GLU L 53 -21.83 -35.60 -10.80
CA GLU L 53 -22.26 -36.83 -10.14
C GLU L 53 -21.02 -37.59 -9.68
N GLU L 54 -20.54 -37.23 -8.48
CA GLU L 54 -19.41 -37.86 -7.83
C GLU L 54 -18.18 -37.93 -8.74
N LYS L 55 -18.24 -37.27 -9.89
CA LYS L 55 -17.04 -37.00 -10.68
C LYS L 55 -16.08 -36.15 -9.86
N GLU L 56 -14.78 -36.45 -9.97
CA GLU L 56 -13.75 -35.73 -9.23
C GLU L 56 -12.86 -34.93 -10.17
N PHE L 57 -12.38 -33.79 -9.66
CA PHE L 57 -11.36 -32.96 -10.31
C PHE L 57 -10.05 -33.16 -9.57
N PRO L 58 -8.99 -33.66 -10.22
CA PRO L 58 -7.72 -33.87 -9.51
C PRO L 58 -7.25 -32.68 -8.67
N MET L 59 -7.42 -31.46 -9.19
CA MET L 59 -6.90 -30.27 -8.52
C MET L 59 -7.72 -29.06 -8.98
N LEU L 60 -8.51 -28.48 -8.07
CA LEU L 60 -9.22 -27.23 -8.31
C LEU L 60 -8.58 -26.10 -7.51
N VAL L 61 -8.24 -25.01 -8.18
CA VAL L 61 -7.80 -23.78 -7.52
C VAL L 61 -8.96 -22.79 -7.59
N VAL L 62 -9.52 -22.47 -6.42
CA VAL L 62 -10.74 -21.66 -6.28
C VAL L 62 -10.35 -20.23 -5.92
N ARG L 63 -10.89 -19.26 -6.65
CA ARG L 63 -10.59 -17.87 -6.34
C ARG L 63 -11.41 -17.40 -5.14
N GLY L 64 -10.71 -16.87 -4.14
CA GLY L 64 -11.32 -16.62 -2.84
C GLY L 64 -12.53 -15.69 -2.86
N ASP L 65 -12.59 -14.78 -3.83
CA ASP L 65 -13.69 -13.81 -3.87
C ASP L 65 -15.03 -14.45 -4.21
N ASN L 66 -15.04 -15.71 -4.65
CA ASN L 66 -16.30 -16.40 -4.88
C ASN L 66 -16.81 -17.10 -3.64
N VAL L 67 -16.05 -17.10 -2.56
CA VAL L 67 -16.35 -17.93 -1.39
C VAL L 67 -17.37 -17.23 -0.51
N LEU L 68 -18.38 -17.99 -0.08
CA LEU L 68 -19.29 -17.57 0.97
C LEU L 68 -18.71 -17.94 2.34
N TYR L 69 -18.50 -19.24 2.57
CA TYR L 69 -17.89 -19.74 3.80
C TYR L 69 -17.29 -21.11 3.51
N VAL L 70 -16.36 -21.54 4.38
CA VAL L 70 -15.74 -22.85 4.33
C VAL L 70 -16.13 -23.63 5.58
N SER L 71 -16.69 -24.82 5.36
CA SER L 71 -17.01 -25.73 6.45
C SER L 71 -15.79 -26.58 6.74
N LEU L 72 -15.27 -26.47 7.96
CA LEU L 72 -14.01 -27.10 8.35
C LEU L 72 -14.23 -28.24 9.34
N ASP M 3 -13.72 2.45 22.34
CA ASP M 3 -13.08 3.41 21.45
C ASP M 3 -14.01 3.82 20.31
N THR M 4 -14.24 5.14 20.17
CA THR M 4 -15.22 5.65 19.23
C THR M 4 -14.86 5.34 17.77
N GLN M 5 -13.62 4.96 17.49
CA GLN M 5 -13.20 4.78 16.09
C GLN M 5 -12.92 3.32 15.75
N ARG M 6 -13.29 2.38 16.61
CA ARG M 6 -13.00 0.96 16.41
C ARG M 6 -14.28 0.14 16.55
N PRO M 7 -15.21 0.27 15.60
CA PRO M 7 -16.47 -0.48 15.71
C PRO M 7 -16.27 -1.98 15.84
N LEU M 8 -15.25 -2.55 15.21
CA LEU M 8 -15.05 -3.99 15.27
C LEU M 8 -14.60 -4.48 16.65
N ASP M 9 -14.20 -3.58 17.56
CA ASP M 9 -13.88 -3.99 18.93
C ASP M 9 -15.07 -4.65 19.62
N ALA M 10 -16.30 -4.28 19.22
CA ALA M 10 -17.46 -4.96 19.76
C ALA M 10 -17.41 -6.46 19.49
N LEU M 11 -16.82 -6.86 18.37
CA LEU M 11 -16.61 -8.29 18.13
C LEU M 11 -15.68 -8.88 19.16
N GLY M 12 -14.57 -8.19 19.44
CA GLY M 12 -13.66 -8.67 20.47
C GLY M 12 -14.37 -8.96 21.78
N LYS M 13 -15.31 -8.10 22.17
CA LYS M 13 -16.08 -8.27 23.41
C LYS M 13 -17.08 -9.41 23.34
N SER M 14 -17.38 -9.93 22.15
CA SER M 14 -18.34 -11.03 22.00
C SER M 14 -17.66 -12.36 21.69
N ILE M 15 -16.34 -12.44 21.84
CA ILE M 15 -15.63 -13.71 21.64
C ILE M 15 -16.15 -14.74 22.64
N ASN M 16 -16.35 -15.96 22.16
CA ASN M 16 -16.85 -17.09 22.96
C ASN M 16 -18.27 -16.87 23.44
N THR M 17 -19.04 -16.08 22.70
CA THR M 17 -20.47 -15.97 22.87
C THR M 17 -21.14 -16.25 21.53
N ASN M 18 -22.45 -16.41 21.54
CA ASN M 18 -23.17 -16.69 20.31
C ASN M 18 -23.64 -15.40 19.64
N VAL M 19 -23.46 -15.34 18.31
CA VAL M 19 -23.80 -14.15 17.54
C VAL M 19 -24.53 -14.60 16.27
N THR M 20 -25.19 -13.65 15.63
CA THR M 20 -25.84 -13.91 14.35
C THR M 20 -25.14 -13.06 13.30
N VAL M 21 -24.58 -13.71 12.29
CA VAL M 21 -23.99 -13.04 11.14
C VAL M 21 -25.02 -13.05 10.03
N TYR M 22 -25.48 -11.86 9.62
CA TYR M 22 -26.41 -11.76 8.50
C TYR M 22 -25.62 -11.53 7.22
N LEU M 23 -25.92 -12.30 6.18
CA LEU M 23 -25.20 -12.16 4.92
C LEU M 23 -26.03 -11.37 3.92
N LYS M 24 -25.34 -10.85 2.89
CA LYS M 24 -26.02 -10.03 1.88
C LYS M 24 -27.12 -10.79 1.17
N ASP M 25 -26.96 -12.11 0.98
CA ASP M 25 -27.92 -12.90 0.23
C ASP M 25 -29.11 -13.37 1.06
N GLY M 26 -29.22 -12.93 2.32
CA GLY M 26 -30.37 -13.22 3.15
C GLY M 26 -30.13 -14.27 4.21
N LYS M 27 -29.09 -15.07 4.08
CA LYS M 27 -28.81 -16.10 5.06
C LYS M 27 -28.52 -15.50 6.44
N LEU M 28 -28.91 -16.22 7.47
CA LEU M 28 -28.50 -15.92 8.83
C LEU M 28 -27.60 -17.04 9.31
N VAL M 29 -26.42 -16.68 9.83
CA VAL M 29 -25.46 -17.67 10.31
C VAL M 29 -25.30 -17.46 11.82
N LYS M 30 -25.81 -18.42 12.59
CA LYS M 30 -25.84 -18.35 14.05
C LYS M 30 -24.79 -19.30 14.61
N GLY M 31 -23.92 -18.81 15.48
CA GLY M 31 -22.85 -19.68 15.97
C GLY M 31 -22.04 -18.99 17.04
N ARG M 32 -21.02 -19.70 17.52
CA ARG M 32 -20.16 -19.21 18.58
C ARG M 32 -18.93 -18.52 17.99
N LEU M 33 -18.77 -17.23 18.28
CA LEU M 33 -17.70 -16.44 17.66
C LEU M 33 -16.35 -16.81 18.27
N LYS M 34 -15.48 -17.42 17.47
CA LYS M 34 -14.15 -17.80 17.91
C LYS M 34 -13.06 -16.84 17.44
N ALA M 35 -13.23 -16.19 16.29
CA ALA M 35 -12.19 -15.32 15.72
C ALA M 35 -12.78 -14.39 14.68
N TYR M 36 -12.18 -13.21 14.56
CA TYR M 36 -12.53 -12.23 13.53
C TYR M 36 -11.28 -11.45 13.17
N ASP M 37 -11.29 -10.88 11.96
CA ASP M 37 -10.19 -10.00 11.54
C ASP M 37 -10.76 -8.67 11.03
N LEU M 38 -9.86 -7.77 10.61
CA LEU M 38 -10.28 -6.45 10.17
C LEU M 38 -11.07 -6.47 8.86
N HIS M 39 -11.07 -7.58 8.14
CA HIS M 39 -11.97 -7.74 6.99
C HIS M 39 -13.37 -8.16 7.39
N MET M 40 -13.62 -8.34 8.69
CA MET M 40 -14.83 -8.98 9.20
C MET M 40 -14.98 -10.42 8.70
N ASN M 41 -13.88 -11.08 8.35
CA ASN M 41 -13.93 -12.54 8.30
C ASN M 41 -14.19 -13.03 9.72
N VAL M 42 -15.00 -14.08 9.86
CA VAL M 42 -15.30 -14.62 11.17
C VAL M 42 -15.13 -16.14 11.15
N ALA M 43 -14.65 -16.68 12.27
CA ALA M 43 -14.64 -18.12 12.52
C ALA M 43 -15.73 -18.42 13.55
N LEU M 44 -16.68 -19.27 13.18
CA LEU M 44 -17.81 -19.60 14.03
C LEU M 44 -17.81 -21.09 14.38
N GLU M 45 -17.88 -21.39 15.67
CA GLU M 45 -17.96 -22.76 16.16
C GLU M 45 -19.41 -23.16 16.32
N ASN M 46 -19.73 -24.40 15.96
CA ASN M 46 -21.06 -24.97 16.17
C ASN M 46 -22.15 -24.06 15.60
N ALA M 47 -22.05 -23.81 14.30
CA ALA M 47 -22.89 -22.81 13.66
C ALA M 47 -24.07 -23.48 12.98
N LYS M 48 -25.11 -22.69 12.74
CA LYS M 48 -26.33 -23.16 12.10
C LYS M 48 -26.74 -22.16 11.04
N ILE M 49 -27.10 -22.67 9.86
CA ILE M 49 -27.65 -21.88 8.77
C ILE M 49 -28.97 -22.53 8.38
N GLU M 50 -30.08 -21.93 8.83
CA GLU M 50 -31.40 -22.53 8.66
C GLU M 50 -31.70 -22.91 7.22
N SER M 51 -31.37 -22.03 6.26
CA SER M 51 -31.73 -22.27 4.86
C SER M 51 -30.94 -23.39 4.20
N ASP M 52 -29.84 -23.84 4.81
CA ASP M 52 -29.05 -24.91 4.23
C ASP M 52 -29.57 -26.27 4.71
N GLU M 53 -29.31 -27.30 3.90
CA GLU M 53 -29.79 -28.64 4.25
C GLU M 53 -28.98 -29.23 5.39
N GLU M 54 -27.67 -28.98 5.42
CA GLU M 54 -26.83 -29.45 6.51
C GLU M 54 -27.26 -28.80 7.81
N LYS M 55 -27.47 -29.63 8.85
CA LYS M 55 -28.08 -29.11 10.08
C LYS M 55 -27.09 -28.26 10.89
N GLU M 56 -25.81 -28.63 10.92
CA GLU M 56 -24.83 -27.95 11.75
C GLU M 56 -23.49 -27.86 11.03
N PHE M 57 -22.67 -26.93 11.52
CA PHE M 57 -21.30 -26.76 11.05
C PHE M 57 -20.39 -26.69 12.26
N PRO M 58 -19.61 -27.74 12.54
CA PRO M 58 -18.70 -27.70 13.69
C PRO M 58 -17.78 -26.48 13.68
N MET M 59 -17.17 -26.17 12.54
CA MET M 59 -16.36 -24.98 12.40
C MET M 59 -16.60 -24.37 11.02
N LEU M 60 -16.85 -23.06 11.00
CA LEU M 60 -17.22 -22.35 9.79
C LEU M 60 -16.42 -21.06 9.74
N VAL M 61 -15.73 -20.84 8.62
CA VAL M 61 -15.03 -19.59 8.34
C VAL M 61 -15.82 -18.84 7.29
N VAL M 62 -16.35 -17.67 7.65
CA VAL M 62 -17.23 -16.89 6.78
C VAL M 62 -16.44 -15.72 6.24
N ARG M 63 -16.57 -15.47 4.94
CA ARG M 63 -15.76 -14.43 4.31
C ARG M 63 -16.37 -13.05 4.53
N GLY M 64 -15.54 -12.12 5.00
CA GLY M 64 -16.03 -10.82 5.43
C GLY M 64 -16.87 -10.07 4.42
N ASP M 65 -16.57 -10.22 3.12
CA ASP M 65 -17.24 -9.41 2.12
C ASP M 65 -18.68 -9.83 1.84
N ASN M 66 -19.13 -10.95 2.39
CA ASN M 66 -20.54 -11.34 2.30
C ASN M 66 -21.40 -10.78 3.44
N VAL M 67 -20.81 -10.06 4.39
CA VAL M 67 -21.49 -9.70 5.65
C VAL M 67 -22.36 -8.47 5.45
N LEU M 68 -23.62 -8.58 5.88
CA LEU M 68 -24.47 -7.40 6.00
C LEU M 68 -24.20 -6.70 7.34
N TYR M 69 -24.57 -7.35 8.43
CA TYR M 69 -24.24 -6.91 9.78
C TYR M 69 -24.18 -8.12 10.70
N VAL M 70 -23.55 -7.92 11.87
CA VAL M 70 -23.41 -8.95 12.90
C VAL M 70 -24.14 -8.48 14.16
N SER M 71 -25.09 -9.27 14.64
CA SER M 71 -25.79 -9.00 15.90
C SER M 71 -25.05 -9.71 17.03
N LEU M 72 -24.64 -8.95 18.04
CA LEU M 72 -23.98 -9.52 19.20
C LEU M 72 -24.91 -9.58 20.39
N ASP N 3 -13.85 19.92 9.21
CA ASP N 3 -12.91 20.18 8.12
C ASP N 3 -13.47 19.69 6.78
N THR N 4 -13.23 20.48 5.73
CA THR N 4 -13.82 20.28 4.41
C THR N 4 -13.32 19.03 3.70
N GLN N 5 -12.25 18.41 4.18
CA GLN N 5 -11.73 17.19 3.57
C GLN N 5 -12.00 15.94 4.39
N ARG N 6 -12.77 16.04 5.47
CA ARG N 6 -13.02 14.91 6.37
C ARG N 6 -14.51 14.72 6.58
N PRO N 7 -15.23 14.25 5.56
CA PRO N 7 -16.70 14.14 5.71
C PRO N 7 -17.13 13.19 6.81
N LEU N 8 -16.38 12.12 7.07
CA LEU N 8 -16.73 11.18 8.14
C LEU N 8 -16.55 11.78 9.54
N ASP N 9 -15.96 12.97 9.65
CA ASP N 9 -15.91 13.66 10.93
C ASP N 9 -17.30 14.01 11.44
N ALA N 10 -18.27 14.13 10.54
CA ALA N 10 -19.65 14.37 10.97
C ALA N 10 -20.19 13.23 11.81
N LEU N 11 -19.78 11.98 11.51
CA LEU N 11 -20.19 10.87 12.36
C LEU N 11 -19.62 10.99 13.76
N GLY N 12 -18.40 11.53 13.89
CA GLY N 12 -17.86 11.79 15.21
C GLY N 12 -18.73 12.72 16.04
N LYS N 13 -19.26 13.78 15.43
CA LYS N 13 -20.12 14.67 16.20
C LYS N 13 -21.44 14.02 16.59
N SER N 14 -21.75 12.83 16.04
CA SER N 14 -22.98 12.12 16.38
C SER N 14 -22.74 10.88 17.24
N ILE N 15 -21.56 10.74 17.84
CA ILE N 15 -21.38 9.60 18.73
C ILE N 15 -22.37 9.71 19.87
N ASN N 16 -23.05 8.60 20.16
CA ASN N 16 -24.04 8.43 21.22
C ASN N 16 -25.38 9.10 20.92
N THR N 17 -25.66 9.46 19.68
CA THR N 17 -26.98 9.92 19.29
C THR N 17 -27.60 8.93 18.32
N ASN N 18 -28.88 9.09 18.05
CA ASN N 18 -29.59 8.15 17.18
C ASN N 18 -29.40 8.58 15.74
N VAL N 19 -29.06 7.61 14.89
CA VAL N 19 -28.84 7.85 13.48
C VAL N 19 -29.64 6.83 12.69
N THR N 20 -29.79 7.08 11.40
CA THR N 20 -30.43 6.15 10.48
C THR N 20 -29.43 5.78 9.39
N VAL N 21 -29.10 4.50 9.30
CA VAL N 21 -28.15 4.01 8.32
C VAL N 21 -28.96 3.37 7.19
N TYR N 22 -28.92 4.00 6.03
CA TYR N 22 -29.59 3.48 4.85
C TYR N 22 -28.65 2.54 4.11
N LEU N 23 -29.11 1.33 3.83
CA LEU N 23 -28.31 0.32 3.16
C LEU N 23 -28.68 0.23 1.68
N LYS N 24 -27.74 -0.30 0.90
CA LYS N 24 -27.94 -0.45 -0.55
C LYS N 24 -29.20 -1.23 -0.90
N ASP N 25 -29.60 -2.20 -0.07
CA ASP N 25 -30.74 -3.04 -0.37
C ASP N 25 -32.08 -2.41 -0.01
N GLY N 26 -32.10 -1.18 0.50
CA GLY N 26 -33.33 -0.53 0.90
C GLY N 26 -33.61 -0.54 2.39
N LYS N 27 -32.82 -1.26 3.17
CA LYS N 27 -33.02 -1.30 4.62
C LYS N 27 -32.70 0.05 5.26
N LEU N 28 -33.47 0.40 6.28
CA LEU N 28 -33.15 1.49 7.19
C LEU N 28 -32.83 0.86 8.54
N VAL N 29 -31.65 1.15 9.06
CA VAL N 29 -31.20 0.65 10.37
C VAL N 29 -31.04 1.86 11.28
N LYS N 30 -31.88 1.96 12.31
CA LYS N 30 -31.85 3.06 13.26
C LYS N 30 -31.23 2.58 14.56
N GLY N 31 -30.38 3.41 15.15
CA GLY N 31 -29.72 2.96 16.35
C GLY N 31 -28.80 4.04 16.87
N ARG N 32 -28.22 3.76 18.02
CA ARG N 32 -27.35 4.71 18.71
C ARG N 32 -25.91 4.45 18.28
N LEU N 33 -25.32 5.42 17.61
CA LEU N 33 -23.97 5.29 17.07
C LEU N 33 -22.96 5.22 18.21
N LYS N 34 -22.29 4.08 18.35
CA LYS N 34 -21.23 3.93 19.35
C LYS N 34 -19.83 4.06 18.76
N ALA N 35 -19.65 3.77 17.48
CA ALA N 35 -18.31 3.75 16.89
C ALA N 35 -18.45 3.70 15.38
N TYR N 36 -17.39 4.13 14.70
CA TYR N 36 -17.31 4.10 13.25
C TYR N 36 -15.84 4.13 12.85
N ASP N 37 -15.55 3.69 11.62
CA ASP N 37 -14.19 3.73 11.11
C ASP N 37 -14.18 4.27 9.69
N LEU N 38 -12.97 4.40 9.12
CA LEU N 38 -12.84 5.04 7.81
C LEU N 38 -13.46 4.20 6.69
N HIS N 39 -13.76 2.92 6.94
CA HIS N 39 -14.54 2.14 5.99
C HIS N 39 -16.02 2.44 6.06
N MET N 40 -16.45 3.26 7.02
CA MET N 40 -17.85 3.45 7.37
C MET N 40 -18.48 2.19 7.94
N ASN N 41 -17.68 1.24 8.45
CA ASN N 41 -18.26 0.29 9.39
C ASN N 41 -18.81 1.07 10.58
N VAL N 42 -19.98 0.68 11.09
CA VAL N 42 -20.52 1.36 12.26
C VAL N 42 -21.03 0.34 13.26
N ALA N 43 -20.88 0.64 14.54
CA ALA N 43 -21.54 -0.12 15.59
C ALA N 43 -22.72 0.66 16.13
N LEU N 44 -23.89 0.04 16.11
CA LEU N 44 -25.14 0.66 16.55
C LEU N 44 -25.65 -0.03 17.81
N GLU N 45 -25.99 0.76 18.81
CA GLU N 45 -26.61 0.27 20.03
C GLU N 45 -28.12 0.40 19.90
N ASN N 46 -28.85 -0.61 20.38
CA ASN N 46 -30.32 -0.58 20.40
C ASN N 46 -30.87 -0.36 19.00
N ALA N 47 -30.42 -1.20 18.06
CA ALA N 47 -30.73 -1.02 16.65
C ALA N 47 -32.09 -1.59 16.29
N LYS N 48 -32.71 -0.98 15.28
CA LYS N 48 -34.03 -1.37 14.78
C LYS N 48 -34.02 -1.32 13.25
N ILE N 49 -34.51 -2.38 12.63
CA ILE N 49 -34.89 -2.38 11.22
C ILE N 49 -36.42 -2.40 11.13
N GLU N 50 -36.95 -1.95 9.99
CA GLU N 50 -38.39 -1.97 9.75
C GLU N 50 -38.96 -3.39 9.55
N SER N 51 -38.32 -4.40 10.15
CA SER N 51 -38.80 -5.78 10.07
C SER N 51 -38.39 -6.56 11.31
N GLU N 56 -35.29 -6.22 16.74
CA GLU N 56 -34.42 -5.30 17.47
C GLU N 56 -33.14 -5.99 17.99
N PHE N 57 -32.04 -5.25 17.98
CA PHE N 57 -30.72 -5.82 18.23
C PHE N 57 -30.03 -4.99 19.31
N PRO N 58 -29.63 -5.62 20.43
CA PRO N 58 -28.85 -4.87 21.45
C PRO N 58 -27.62 -4.16 20.89
N MET N 59 -26.89 -4.80 19.99
CA MET N 59 -25.69 -4.22 19.44
C MET N 59 -25.50 -4.81 18.05
N LEU N 60 -25.36 -3.95 17.05
CA LEU N 60 -25.30 -4.37 15.66
C LEU N 60 -24.08 -3.74 15.00
N VAL N 61 -23.24 -4.57 14.39
CA VAL N 61 -22.05 -4.09 13.68
C VAL N 61 -22.31 -4.21 12.20
N VAL N 62 -22.38 -3.08 11.52
CA VAL N 62 -22.79 -2.99 10.12
C VAL N 62 -21.54 -2.77 9.28
N ARG N 63 -21.38 -3.57 8.22
CA ARG N 63 -20.21 -3.45 7.36
C ARG N 63 -20.40 -2.27 6.42
N GLY N 64 -19.40 -1.39 6.36
CA GLY N 64 -19.53 -0.13 5.62
C GLY N 64 -19.91 -0.28 4.15
N ASP N 65 -19.41 -1.32 3.49
CA ASP N 65 -19.63 -1.42 2.04
C ASP N 65 -21.10 -1.64 1.68
N ASN N 66 -21.97 -1.93 2.65
CA ASN N 66 -23.41 -2.01 2.43
C ASN N 66 -24.10 -0.66 2.56
N VAL N 67 -23.40 0.38 2.98
CA VAL N 67 -24.04 1.64 3.34
C VAL N 67 -24.29 2.49 2.09
N LEU N 68 -25.51 3.00 1.96
CA LEU N 68 -25.85 4.04 0.99
C LEU N 68 -25.51 5.43 1.54
N TYR N 69 -26.20 5.83 2.63
CA TYR N 69 -25.82 7.03 3.36
C TYR N 69 -26.26 6.91 4.80
N VAL N 70 -25.72 7.80 5.64
CA VAL N 70 -26.07 7.88 7.06
C VAL N 70 -26.71 9.23 7.32
N SER N 71 -27.88 9.21 7.92
CA SER N 71 -28.60 10.41 8.30
C SER N 71 -28.35 10.68 9.79
N LEU N 72 -27.76 11.84 10.07
CA LEU N 72 -27.39 12.19 11.44
C LEU N 72 -28.41 13.13 12.10
CA CA O . 3.29 13.20 32.99
CA CA P . 6.00 3.65 14.31
CA CA Q . 11.02 -4.38 11.18
CA CA R . 13.82 -5.88 3.49
CA CA S . 26.13 9.21 -22.26
CA CA T . -13.01 6.85 -7.89
CA CA U . -8.46 0.84 -13.45
CA CA V . -5.96 -7.60 -13.26
CA CA W . -13.38 -31.60 7.37
CA CA X . -25.79 -30.74 17.96
N1 EPE Y . -12.37 -8.78 1.83
C2 EPE Y . -13.14 -9.98 2.20
C3 EPE Y . -12.37 -10.77 3.23
N4 EPE Y . -10.98 -11.01 2.85
C5 EPE Y . -10.23 -9.88 2.33
C6 EPE Y . -11.05 -9.17 1.29
C7 EPE Y . -10.18 -11.95 3.61
C8 EPE Y . -10.00 -13.35 3.02
O8 EPE Y . -10.73 -13.50 1.83
C9 EPE Y . -13.10 -8.05 0.78
C10 EPE Y . -13.00 -8.81 -0.55
S EPE Y . -11.99 -7.94 -1.78
O1S EPE Y . -11.81 -8.80 -2.94
O2S EPE Y . -10.68 -7.57 -1.23
O3S EPE Y . -12.68 -6.71 -2.16
#